data_5WS2
#
_entry.id   5WS2
#
_cell.length_a   168.610
_cell.length_b   168.610
_cell.length_c   165.868
_cell.angle_alpha   90.00
_cell.angle_beta   90.00
_cell.angle_gamma   120.00
#
_symmetry.space_group_name_H-M   'P 65 2 2'
#
loop_
_entity.id
_entity.type
_entity.pdbx_description
1 polymer 'Ribonuclease J'
2 polymer "RNA (5'-R(P*AP*AP*AP*AP*A)-3')"
3 non-polymer 'ZINC ION'
4 non-polymer 'SULFATE ION'
5 water water
#
loop_
_entity_poly.entity_id
_entity_poly.type
_entity_poly.pdbx_seq_one_letter_code
_entity_poly.pdbx_strand_id
1 'polypeptide(L)'
;MGSSHHHHHHSSGLVPRGSHMASTEIGIIAVGGYNEMGRNMTAIRVNEDIIIIDMGIRLDRVQIHEDVDTDRMHSLELIE
MGAIPDDTIMNEVNGNVRAIVCTHGHLDHIGAIPKLAHRYAAPIIATPYTTALIKHQIDSERKFGVKNNIVALKAGETLE
ITKDITIEFINTQHSIIDTVFVAIHTPSGAVVYACDFKFDRTPTLGEVPDFDRLKELGKEGVIALITESTNAGRNGKTPS
ELIAHMMLKDVLLGTEESAVGMIVTTFAAHIARVNSIVQFAQEMGRIPVLLGRSMERYVGTAYQLGYIDLPENVEIYGSR
RDIDNALKKIMEAGKDKYLPVMTGHQGEPGAVLGRIANGETPFKVETGDRIIFSANVIPNPMTQANRYALETKLKMKGAR
IYDNVHVSGHAYREDHWELLRMLKPEHVIPAHGTIQMHSEYIQMAEDAGYSLGDTLHLLRNGEELYIEED
;
A,B
2 'polyribonucleotide' AAAAA C,D
#
loop_
_chem_comp.id
_chem_comp.type
_chem_comp.name
_chem_comp.formula
A RNA linking ADENOSINE-5'-MONOPHOSPHATE 'C10 H14 N5 O7 P'
SO4 non-polymer 'SULFATE ION' 'O4 S -2'
ZN non-polymer 'ZINC ION' 'Zn 2'
#
# COMPACT_ATOMS: atom_id res chain seq x y z
N SER A 3 -16.43 -69.81 -20.39
CA SER A 3 -17.53 -68.89 -20.13
C SER A 3 -16.99 -67.45 -20.11
N SER A 4 -17.38 -66.68 -19.11
CA SER A 4 -16.91 -65.31 -18.95
C SER A 4 -15.38 -65.26 -18.87
N HIS A 5 -14.81 -64.08 -19.14
CA HIS A 5 -13.35 -63.95 -19.15
C HIS A 5 -12.93 -62.49 -19.19
N HIS A 6 -11.73 -62.24 -18.64
CA HIS A 6 -11.03 -60.96 -18.78
C HIS A 6 -9.52 -61.24 -18.75
N HIS A 7 -8.72 -60.19 -18.59
CA HIS A 7 -7.27 -60.37 -18.62
C HIS A 7 -6.62 -59.19 -17.93
N HIS A 8 -5.34 -59.36 -17.60
CA HIS A 8 -4.57 -58.35 -16.88
C HIS A 8 -3.08 -58.65 -17.03
N HIS A 9 -2.30 -57.60 -17.23
CA HIS A 9 -0.85 -57.71 -17.33
C HIS A 9 -0.25 -57.56 -15.95
N HIS A 10 0.44 -58.60 -15.48
CA HIS A 10 1.10 -58.53 -14.18
C HIS A 10 2.43 -57.82 -14.34
N SER A 11 2.67 -56.83 -13.49
CA SER A 11 3.92 -56.10 -13.53
C SER A 11 5.08 -57.01 -13.15
N SER A 12 6.25 -56.71 -13.71
CA SER A 12 7.48 -57.35 -13.29
C SER A 12 7.90 -56.86 -11.92
N GLY A 13 8.49 -57.75 -11.13
CA GLY A 13 9.09 -57.37 -9.87
C GLY A 13 10.48 -56.78 -9.99
N LEU A 14 11.14 -56.96 -11.13
CA LEU A 14 12.46 -56.41 -11.34
C LEU A 14 12.43 -54.89 -11.37
N VAL A 15 13.58 -54.30 -11.06
CA VAL A 15 13.77 -52.86 -11.10
C VAL A 15 14.46 -52.51 -12.43
N PRO A 16 13.83 -51.69 -13.30
CA PRO A 16 14.39 -51.32 -14.60
C PRO A 16 15.38 -50.17 -14.51
N ALA A 22 19.35 -48.71 -4.90
CA ALA A 22 19.32 -47.83 -3.74
C ALA A 22 17.96 -47.11 -3.66
N SER A 23 17.41 -47.03 -2.45
CA SER A 23 16.11 -46.42 -2.21
C SER A 23 16.25 -45.31 -1.18
N THR A 24 15.67 -44.14 -1.48
CA THR A 24 15.76 -42.99 -0.59
C THR A 24 14.40 -42.70 0.01
N GLU A 25 14.36 -42.58 1.33
CA GLU A 25 13.22 -42.18 2.12
C GLU A 25 13.45 -40.77 2.62
N ILE A 26 12.47 -39.90 2.43
CA ILE A 26 12.54 -38.53 2.91
C ILE A 26 11.58 -38.39 4.10
N GLY A 27 12.05 -37.75 5.16
CA GLY A 27 11.16 -37.35 6.24
C GLY A 27 11.15 -35.84 6.34
N ILE A 28 9.97 -35.23 6.36
CA ILE A 28 9.81 -33.79 6.59
C ILE A 28 9.27 -33.67 8.00
N ILE A 29 10.09 -33.20 8.94
CA ILE A 29 9.70 -33.09 10.34
C ILE A 29 9.43 -31.63 10.67
N ALA A 30 8.18 -31.34 11.03
CA ALA A 30 7.81 -30.02 11.48
C ALA A 30 8.11 -29.92 12.98
N VAL A 31 9.03 -29.04 13.37
CA VAL A 31 9.36 -28.91 14.78
C VAL A 31 8.76 -27.67 15.40
N GLY A 32 8.92 -26.52 14.76
CA GLY A 32 8.32 -25.31 15.27
C GLY A 32 8.01 -24.38 14.12
N GLY A 33 7.04 -23.50 14.35
CA GLY A 33 6.66 -22.52 13.37
C GLY A 33 5.62 -22.97 12.37
N TYR A 34 5.03 -24.15 12.57
CA TYR A 34 3.97 -24.63 11.69
C TYR A 34 2.60 -24.36 12.26
N ASN A 35 2.51 -24.09 13.58
CA ASN A 35 1.27 -23.77 14.26
C ASN A 35 1.18 -22.31 14.66
N GLU A 36 2.22 -21.51 14.37
CA GLU A 36 2.30 -20.15 14.90
C GLU A 36 3.34 -19.40 14.10
N MET A 37 3.32 -18.08 14.25
CA MET A 37 4.45 -17.28 13.77
C MET A 37 5.54 -17.29 14.82
N GLY A 38 6.77 -17.58 14.41
CA GLY A 38 7.91 -17.60 15.31
C GLY A 38 8.41 -19.01 15.54
N ARG A 39 9.60 -19.08 16.13
CA ARG A 39 10.18 -20.35 16.58
C ARG A 39 10.24 -21.39 15.45
N ASN A 40 10.69 -20.94 14.28
CA ASN A 40 10.76 -21.84 13.14
C ASN A 40 11.84 -22.88 13.32
N MET A 41 11.49 -24.10 12.94
CA MET A 41 12.48 -25.16 12.88
C MET A 41 11.91 -26.34 12.11
N THR A 42 12.65 -26.78 11.09
CA THR A 42 12.32 -27.93 10.26
C THR A 42 13.48 -28.90 10.24
N ALA A 43 13.18 -30.19 10.27
CA ALA A 43 14.21 -31.21 10.09
C ALA A 43 13.91 -31.99 8.82
N ILE A 44 14.89 -32.10 7.95
CA ILE A 44 14.81 -32.82 6.69
C ILE A 44 15.68 -34.06 6.82
N ARG A 45 15.04 -35.22 6.88
CA ARG A 45 15.68 -36.52 6.99
C ARG A 45 15.81 -37.15 5.61
N VAL A 46 17.01 -37.58 5.27
CA VAL A 46 17.31 -38.37 4.09
C VAL A 46 17.81 -39.73 4.58
N ASN A 47 16.94 -40.75 4.49
CA ASN A 47 17.15 -42.02 5.18
C ASN A 47 17.53 -41.84 6.64
N GLU A 48 18.81 -41.81 6.95
CA GLU A 48 19.21 -41.66 8.34
C GLU A 48 20.18 -40.51 8.56
N ASP A 49 20.27 -39.57 7.63
CA ASP A 49 20.95 -38.32 7.90
C ASP A 49 19.91 -37.21 7.97
N ILE A 50 20.15 -36.21 8.80
CA ILE A 50 19.19 -35.14 9.00
C ILE A 50 19.88 -33.80 8.83
N ILE A 51 19.21 -32.89 8.11
CA ILE A 51 19.59 -31.47 8.00
C ILE A 51 18.52 -30.69 8.77
N ILE A 52 18.92 -30.02 9.82
CA ILE A 52 18.01 -29.09 10.46
C ILE A 52 18.11 -27.76 9.75
N ILE A 53 16.95 -27.14 9.50
CA ILE A 53 16.89 -25.81 8.93
C ILE A 53 16.12 -24.91 9.89
N ASP A 54 16.83 -23.90 10.39
CA ASP A 54 16.37 -22.82 11.28
C ASP A 54 16.09 -23.30 12.71
N MET A 55 16.40 -22.43 13.67
CA MET A 55 16.00 -22.60 15.08
C MET A 55 15.69 -21.20 15.60
N GLY A 56 14.43 -20.82 15.47
CA GLY A 56 14.02 -19.49 15.81
C GLY A 56 13.42 -19.41 17.20
N ILE A 57 13.21 -18.17 17.62
CA ILE A 57 12.52 -17.87 18.86
C ILE A 57 11.20 -17.23 18.48
N ARG A 58 10.21 -17.40 19.32
CA ARG A 58 8.94 -16.70 19.17
C ARG A 58 8.81 -15.66 20.30
N LEU A 59 8.89 -14.38 19.93
CA LEU A 59 9.12 -13.34 20.93
C LEU A 59 7.87 -13.02 21.75
N ASP A 60 6.68 -13.17 21.18
CA ASP A 60 5.49 -12.80 21.95
C ASP A 60 5.24 -13.79 23.09
N ARG A 61 5.63 -15.05 22.95
CA ARG A 61 5.54 -15.97 24.09
C ARG A 61 6.53 -15.60 25.16
N VAL A 62 7.56 -14.82 24.83
CA VAL A 62 8.40 -14.23 25.87
C VAL A 62 7.75 -13.00 26.44
N GLN A 63 7.10 -12.20 25.61
CA GLN A 63 6.59 -10.93 26.10
C GLN A 63 5.42 -11.11 27.07
N ILE A 64 4.72 -12.26 27.04
CA ILE A 64 3.59 -12.41 27.95
C ILE A 64 4.01 -12.73 29.37
N HIS A 65 5.30 -12.98 29.62
CA HIS A 65 5.85 -13.17 30.97
C HIS A 65 6.69 -11.95 31.35
N GLU A 66 6.57 -11.52 32.59
CA GLU A 66 7.10 -10.21 32.95
C GLU A 66 8.48 -10.50 33.54
N ASP A 67 9.46 -9.63 33.30
CA ASP A 67 10.80 -9.79 33.87
C ASP A 67 11.38 -11.19 33.60
N VAL A 68 11.60 -11.44 32.32
CA VAL A 68 12.10 -12.72 31.86
C VAL A 68 13.38 -12.50 31.07
N ASP A 69 14.44 -13.16 31.49
CA ASP A 69 15.76 -13.00 30.89
C ASP A 69 16.00 -14.33 30.18
N THR A 70 15.75 -14.36 28.88
CA THR A 70 15.88 -15.62 28.15
C THR A 70 17.33 -16.05 28.00
N ASP A 71 18.27 -15.11 28.12
CA ASP A 71 19.69 -15.46 28.05
C ASP A 71 20.11 -16.37 29.18
N ARG A 72 19.33 -16.44 30.24
CA ARG A 72 19.67 -17.25 31.40
C ARG A 72 18.82 -18.49 31.53
N MET A 73 17.76 -18.60 30.75
CA MET A 73 16.83 -19.70 30.92
C MET A 73 17.34 -20.97 30.26
N HIS A 74 16.92 -22.10 30.82
CA HIS A 74 17.25 -23.37 30.24
C HIS A 74 16.31 -23.64 29.06
N SER A 75 16.78 -24.47 28.13
CA SER A 75 15.98 -24.89 26.98
C SER A 75 14.59 -25.35 27.39
N LEU A 76 14.51 -26.19 28.42
CA LEU A 76 13.25 -26.84 28.77
C LEU A 76 12.19 -25.82 29.14
N GLU A 77 12.56 -24.84 29.94
CA GLU A 77 11.54 -23.90 30.38
C GLU A 77 11.08 -23.02 29.23
N LEU A 78 12.00 -22.69 28.33
CA LEU A 78 11.60 -21.97 27.12
C LEU A 78 10.73 -22.83 26.22
N ILE A 79 10.98 -24.14 26.15
CA ILE A 79 10.08 -24.99 25.36
C ILE A 79 8.70 -25.03 26.00
N GLU A 80 8.62 -25.08 27.33
CA GLU A 80 7.30 -25.10 27.94
C GLU A 80 6.60 -23.75 27.83
N MET A 81 7.34 -22.64 27.65
CA MET A 81 6.71 -21.38 27.28
C MET A 81 6.34 -21.31 25.81
N GLY A 82 7.08 -22.05 24.98
CA GLY A 82 7.07 -22.09 23.53
C GLY A 82 6.94 -20.95 22.55
N ALA A 83 7.78 -19.91 22.38
CA ALA A 83 9.11 -19.53 22.88
C ALA A 83 10.19 -20.09 21.95
N ILE A 84 10.57 -21.34 22.11
CA ILE A 84 11.52 -21.96 21.18
C ILE A 84 10.94 -23.30 20.74
N PRO A 85 11.48 -23.88 19.67
CA PRO A 85 10.90 -25.11 19.13
C PRO A 85 11.09 -26.28 20.07
N ASP A 86 10.09 -27.16 20.11
CA ASP A 86 10.20 -28.36 20.93
C ASP A 86 10.92 -29.42 20.11
N ASP A 87 12.24 -29.40 20.19
CA ASP A 87 13.05 -30.40 19.49
C ASP A 87 13.21 -31.68 20.30
N THR A 88 12.56 -31.82 21.45
CA THR A 88 12.69 -33.10 22.14
C THR A 88 12.06 -34.23 21.33
N ILE A 89 11.17 -33.90 20.38
CA ILE A 89 10.65 -34.89 19.45
C ILE A 89 11.76 -35.57 18.63
N MET A 90 12.93 -34.95 18.56
CA MET A 90 14.01 -35.49 17.76
C MET A 90 14.58 -36.74 18.38
N ASN A 91 14.19 -37.05 19.61
CA ASN A 91 14.58 -38.32 20.19
C ASN A 91 13.86 -39.50 19.56
N GLU A 92 12.78 -39.26 18.82
CA GLU A 92 12.01 -40.33 18.21
C GLU A 92 12.20 -40.35 16.71
N VAL A 93 13.01 -39.45 16.17
CA VAL A 93 13.27 -39.39 14.73
C VAL A 93 14.49 -40.25 14.47
N ASN A 94 14.36 -41.19 13.53
CA ASN A 94 15.40 -42.20 13.29
C ASN A 94 16.41 -41.66 12.28
N GLY A 95 17.34 -40.87 12.78
CA GLY A 95 18.44 -40.36 11.97
C GLY A 95 19.35 -39.56 12.87
N ASN A 96 20.47 -39.12 12.30
CA ASN A 96 21.39 -38.27 13.03
C ASN A 96 21.62 -36.95 12.31
N VAL A 97 21.66 -35.87 13.08
CA VAL A 97 21.76 -34.54 12.50
C VAL A 97 23.19 -34.30 12.03
N ARG A 98 23.33 -33.82 10.79
CA ARG A 98 24.64 -33.54 10.19
C ARG A 98 24.91 -32.08 9.91
N ALA A 99 23.90 -31.23 9.93
CA ALA A 99 24.12 -29.83 9.66
C ALA A 99 22.92 -29.09 10.18
N ILE A 100 23.16 -27.87 10.63
CA ILE A 100 22.12 -26.92 10.98
C ILE A 100 22.28 -25.74 10.03
N VAL A 101 21.27 -25.50 9.21
CA VAL A 101 21.27 -24.41 8.23
C VAL A 101 20.35 -23.30 8.71
N CYS A 102 20.78 -22.06 8.59
CA CYS A 102 19.90 -20.92 8.85
C CYS A 102 19.78 -20.09 7.58
N THR A 103 18.55 -19.77 7.19
CA THR A 103 18.35 -19.08 5.93
C THR A 103 18.62 -17.59 6.01
N HIS A 104 18.59 -16.98 7.21
CA HIS A 104 18.86 -15.56 7.37
C HIS A 104 18.92 -15.25 8.86
N GLY A 105 19.13 -13.98 9.20
CA GLY A 105 19.47 -13.60 10.56
C GLY A 105 18.35 -13.11 11.44
N HIS A 106 17.11 -13.08 10.97
CA HIS A 106 16.01 -12.70 11.84
C HIS A 106 15.88 -13.69 13.00
N LEU A 107 15.37 -13.19 14.12
CA LEU A 107 15.39 -13.99 15.34
C LEU A 107 14.45 -15.17 15.25
N ASP A 108 13.45 -15.10 14.39
CA ASP A 108 12.57 -16.24 14.22
C ASP A 108 13.21 -17.33 13.39
N HIS A 109 14.49 -17.17 13.02
CA HIS A 109 15.25 -18.23 12.39
C HIS A 109 16.53 -18.58 13.13
N ILE A 110 17.09 -17.67 13.94
CA ILE A 110 18.32 -17.94 14.68
C ILE A 110 18.18 -17.76 16.18
N GLY A 111 17.03 -17.30 16.68
CA GLY A 111 16.94 -16.94 18.09
C GLY A 111 17.14 -18.10 19.05
N ALA A 112 16.79 -19.30 18.64
CA ALA A 112 16.95 -20.45 19.51
C ALA A 112 18.26 -21.19 19.30
N ILE A 113 19.12 -20.76 18.37
CA ILE A 113 20.42 -21.44 18.18
C ILE A 113 21.18 -21.61 19.47
N PRO A 114 21.40 -20.60 20.32
CA PRO A 114 22.18 -20.79 21.53
C PRO A 114 21.48 -21.65 22.57
N LYS A 115 20.22 -22.03 22.34
CA LYS A 115 19.53 -22.89 23.30
C LYS A 115 19.44 -24.34 22.83
N LEU A 116 19.55 -24.58 21.53
CA LEU A 116 19.31 -25.92 20.98
C LEU A 116 20.50 -26.48 20.21
N ALA A 117 21.26 -25.64 19.49
CA ALA A 117 22.24 -26.17 18.54
C ALA A 117 23.33 -26.99 19.22
N HIS A 118 23.69 -26.65 20.45
CA HIS A 118 24.83 -27.31 21.11
C HIS A 118 24.61 -28.79 21.38
N ARG A 119 23.38 -29.31 21.29
CA ARG A 119 23.21 -30.75 21.52
C ARG A 119 23.37 -31.56 20.26
N TYR A 120 23.66 -30.94 19.13
CA TYR A 120 23.84 -31.67 17.89
C TYR A 120 25.31 -31.59 17.50
N ALA A 121 25.86 -32.73 17.13
CA ALA A 121 27.24 -32.81 16.65
C ALA A 121 27.22 -32.41 15.18
N ALA A 122 27.11 -31.11 14.94
CA ALA A 122 26.84 -30.63 13.58
C ALA A 122 27.31 -29.20 13.43
N PRO A 123 27.79 -28.80 12.25
CA PRO A 123 28.06 -27.38 12.01
C PRO A 123 26.78 -26.58 11.86
N ILE A 124 26.92 -25.28 12.09
CA ILE A 124 25.88 -24.32 11.76
C ILE A 124 26.33 -23.59 10.51
N ILE A 125 25.49 -23.62 9.46
CA ILE A 125 25.85 -23.14 8.12
C ILE A 125 24.90 -22.00 7.75
N ALA A 126 25.46 -20.86 7.30
CA ALA A 126 24.63 -19.73 6.88
C ALA A 126 25.45 -18.79 6.02
N THR A 127 24.79 -17.75 5.48
CA THR A 127 25.49 -16.73 4.72
C THR A 127 26.37 -15.88 5.65
N PRO A 128 27.37 -15.19 5.12
CA PRO A 128 28.29 -14.44 5.99
C PRO A 128 27.59 -13.50 6.98
N TYR A 129 26.69 -12.63 6.52
CA TYR A 129 25.99 -11.75 7.46
C TYR A 129 25.25 -12.56 8.52
N THR A 130 24.63 -13.67 8.11
CA THR A 130 23.90 -14.48 9.06
C THR A 130 24.84 -15.14 10.06
N THR A 131 26.02 -15.57 9.63
CA THR A 131 26.95 -16.14 10.59
C THR A 131 27.42 -15.09 11.59
N ALA A 132 27.62 -13.84 11.13
CA ALA A 132 27.97 -12.77 12.05
C ALA A 132 26.88 -12.59 13.11
N LEU A 133 25.61 -12.55 12.67
CA LEU A 133 24.55 -12.37 13.67
C LEU A 133 24.38 -13.58 14.58
N ILE A 134 24.63 -14.79 14.07
CA ILE A 134 24.60 -15.99 14.91
C ILE A 134 25.70 -15.93 15.95
N LYS A 135 26.89 -15.45 15.56
CA LYS A 135 27.95 -15.30 16.55
C LYS A 135 27.58 -14.31 17.63
N HIS A 136 26.92 -13.21 17.26
CA HIS A 136 26.49 -12.27 18.30
C HIS A 136 25.45 -12.92 19.22
N GLN A 137 24.54 -13.73 18.64
CA GLN A 137 23.54 -14.42 19.43
C GLN A 137 24.17 -15.41 20.39
N ILE A 138 25.26 -16.07 19.98
CA ILE A 138 25.91 -17.04 20.85
C ILE A 138 26.71 -16.32 21.93
N ASP A 139 27.28 -15.15 21.61
CA ASP A 139 28.03 -14.38 22.60
C ASP A 139 27.14 -13.78 23.68
N SER A 140 25.86 -13.58 23.40
CA SER A 140 24.92 -13.07 24.40
C SER A 140 24.38 -14.16 25.32
N GLU A 141 24.59 -15.44 24.98
CA GLU A 141 24.03 -16.55 25.74
C GLU A 141 24.79 -16.78 27.04
N ARG A 142 24.04 -16.89 28.14
CA ARG A 142 24.65 -17.07 29.46
C ARG A 142 24.19 -18.34 30.19
N LYS A 143 23.51 -19.26 29.52
CA LYS A 143 23.13 -20.53 30.15
C LYS A 143 23.86 -21.73 29.57
N PHE A 144 23.94 -21.83 28.26
CA PHE A 144 24.65 -22.90 27.60
C PHE A 144 25.92 -22.39 26.96
N GLY A 145 26.96 -23.20 27.02
CA GLY A 145 28.17 -22.91 26.30
C GLY A 145 27.99 -23.47 24.90
N VAL A 146 28.00 -22.60 23.88
CA VAL A 146 27.84 -22.97 22.46
C VAL A 146 29.04 -22.50 21.63
N LYS A 147 29.63 -23.25 20.69
CA LYS A 147 30.18 -24.64 20.69
C LYS A 147 30.33 -25.15 19.25
N ASN A 148 29.21 -25.21 18.53
CA ASN A 148 29.22 -25.71 17.17
C ASN A 148 30.15 -24.87 16.30
N ASN A 149 30.85 -25.54 15.37
CA ASN A 149 31.54 -24.85 14.28
C ASN A 149 30.55 -24.05 13.46
N ILE A 150 30.92 -22.84 13.09
CA ILE A 150 30.08 -21.97 12.27
C ILE A 150 30.74 -21.83 10.91
N VAL A 151 29.98 -22.17 9.86
CA VAL A 151 30.45 -22.22 8.49
C VAL A 151 29.68 -21.20 7.67
N ALA A 152 30.40 -20.32 7.01
CA ALA A 152 29.84 -19.36 6.07
C ALA A 152 29.80 -19.99 4.69
N LEU A 153 28.62 -19.97 4.07
CA LEU A 153 28.40 -20.40 2.70
C LEU A 153 27.62 -19.30 1.99
N LYS A 154 28.10 -18.87 0.83
CA LYS A 154 27.46 -17.75 0.14
C LYS A 154 26.35 -18.25 -0.78
N ALA A 155 25.45 -17.34 -1.13
CA ALA A 155 24.45 -17.65 -2.13
C ALA A 155 25.16 -18.03 -3.42
N GLY A 156 24.64 -19.04 -4.10
CA GLY A 156 25.24 -19.55 -5.32
C GLY A 156 26.29 -20.61 -5.12
N GLU A 157 26.62 -20.95 -3.87
CA GLU A 157 27.58 -22.00 -3.61
C GLU A 157 26.91 -23.23 -3.00
N THR A 158 27.62 -24.33 -3.12
CA THR A 158 27.19 -25.65 -2.69
C THR A 158 28.18 -26.17 -1.65
N LEU A 159 27.69 -26.99 -0.74
CA LEU A 159 28.57 -27.61 0.23
C LEU A 159 28.16 -29.06 0.46
N GLU A 160 29.13 -29.95 0.37
CA GLU A 160 28.87 -31.37 0.54
C GLU A 160 28.78 -31.66 2.03
N ILE A 161 27.66 -32.20 2.47
CA ILE A 161 27.51 -32.57 3.87
C ILE A 161 27.76 -34.05 4.07
N THR A 162 27.23 -34.86 3.16
CA THR A 162 27.31 -36.30 3.24
C THR A 162 27.56 -36.84 1.84
N LYS A 163 28.10 -38.05 1.77
CA LYS A 163 28.32 -38.67 0.46
C LYS A 163 27.05 -38.60 -0.40
N ASP A 164 25.88 -38.50 0.23
CA ASP A 164 24.58 -38.54 -0.43
C ASP A 164 23.83 -37.21 -0.34
N ILE A 165 24.30 -36.24 0.41
CA ILE A 165 23.56 -35.01 0.63
C ILE A 165 24.49 -33.83 0.38
N THR A 166 24.05 -32.89 -0.46
CA THR A 166 24.73 -31.61 -0.56
C THR A 166 23.76 -30.49 -0.31
N ILE A 167 24.29 -29.35 0.12
CA ILE A 167 23.46 -28.19 0.41
C ILE A 167 23.87 -27.07 -0.54
N GLU A 168 22.87 -26.45 -1.15
CA GLU A 168 23.03 -25.38 -2.12
C GLU A 168 22.24 -24.17 -1.67
N PHE A 169 22.89 -23.01 -1.64
CA PHE A 169 22.23 -21.75 -1.33
C PHE A 169 21.83 -21.05 -2.63
N ILE A 170 20.56 -20.65 -2.73
CA ILE A 170 20.06 -19.90 -3.88
C ILE A 170 19.68 -18.50 -3.42
N ASN A 171 20.17 -17.49 -4.13
CA ASN A 171 19.91 -16.11 -3.75
C ASN A 171 18.42 -15.79 -3.82
N THR A 172 17.91 -15.14 -2.79
CA THR A 172 16.57 -14.56 -2.86
C THR A 172 16.61 -13.20 -2.18
N GLN A 173 15.43 -12.57 -2.11
CA GLN A 173 15.28 -11.28 -1.47
C GLN A 173 14.40 -11.41 -0.25
N HIS A 174 14.59 -10.51 0.70
CA HIS A 174 13.83 -10.52 1.95
C HIS A 174 14.16 -9.21 2.66
N SER A 175 13.52 -8.98 3.80
CA SER A 175 13.70 -7.76 4.58
C SER A 175 15.03 -7.71 5.33
N ILE A 176 15.86 -8.74 5.22
CA ILE A 176 17.21 -8.68 5.73
C ILE A 176 18.14 -9.12 4.61
N ILE A 177 19.35 -8.56 4.57
CA ILE A 177 20.28 -8.91 3.52
C ILE A 177 20.74 -10.37 3.70
N ASP A 178 21.19 -10.96 2.59
CA ASP A 178 21.81 -12.30 2.61
C ASP A 178 20.84 -13.40 3.01
N THR A 179 19.61 -13.32 2.53
CA THR A 179 18.67 -14.42 2.69
C THR A 179 18.81 -15.36 1.49
N VAL A 180 18.61 -16.66 1.74
CA VAL A 180 18.74 -17.67 0.70
C VAL A 180 17.59 -18.68 0.79
N PHE A 181 17.24 -19.24 -0.36
CA PHE A 181 16.62 -20.55 -0.40
C PHE A 181 17.67 -21.62 -0.19
N VAL A 182 17.23 -22.74 0.35
CA VAL A 182 18.12 -23.86 0.61
C VAL A 182 17.64 -25.02 -0.25
N ALA A 183 18.54 -25.61 -1.02
CA ALA A 183 18.23 -26.82 -1.76
C ALA A 183 19.13 -27.93 -1.22
N ILE A 184 18.50 -28.96 -0.68
CA ILE A 184 19.16 -30.17 -0.18
C ILE A 184 19.11 -31.18 -1.31
N HIS A 185 20.27 -31.56 -1.86
CA HIS A 185 20.33 -32.56 -2.93
C HIS A 185 20.58 -33.93 -2.37
N THR A 186 19.77 -34.89 -2.83
CA THR A 186 19.76 -36.29 -2.41
C THR A 186 19.85 -37.15 -3.66
N PRO A 187 20.23 -38.44 -3.53
CA PRO A 187 20.25 -39.32 -4.70
C PRO A 187 18.98 -39.27 -5.50
N SER A 188 17.85 -39.01 -4.86
CA SER A 188 16.54 -39.08 -5.50
C SER A 188 15.99 -37.72 -5.89
N GLY A 189 16.79 -36.64 -5.76
CA GLY A 189 16.33 -35.31 -6.11
C GLY A 189 16.46 -34.34 -4.95
N ALA A 190 15.87 -33.15 -5.11
CA ALA A 190 16.12 -32.01 -4.25
C ALA A 190 14.91 -31.70 -3.36
N VAL A 191 15.18 -31.42 -2.09
CA VAL A 191 14.17 -30.87 -1.21
C VAL A 191 14.53 -29.40 -1.05
N VAL A 192 13.59 -28.50 -1.32
CA VAL A 192 13.84 -27.06 -1.32
C VAL A 192 13.09 -26.42 -0.16
N TYR A 193 13.76 -25.49 0.52
CA TYR A 193 13.23 -24.78 1.68
C TYR A 193 13.26 -23.28 1.36
N ALA A 194 12.08 -22.69 1.30
CA ALA A 194 11.89 -21.30 0.94
C ALA A 194 11.04 -20.62 1.98
N CYS A 195 11.60 -20.47 3.18
CA CYS A 195 10.88 -19.88 4.28
C CYS A 195 11.45 -18.49 4.57
N ASP A 196 10.62 -17.48 4.36
CA ASP A 196 11.04 -16.09 4.44
C ASP A 196 11.75 -15.69 3.16
N PHE A 197 10.93 -15.51 2.13
CA PHE A 197 11.39 -15.04 0.84
C PHE A 197 10.43 -13.97 0.26
N LYS A 198 10.93 -13.23 -0.72
CA LYS A 198 10.19 -12.27 -1.49
C LYS A 198 10.87 -12.22 -2.86
N PHE A 199 10.07 -12.28 -3.92
CA PHE A 199 10.56 -11.92 -5.24
C PHE A 199 10.64 -10.40 -5.34
N ASP A 200 11.78 -9.89 -5.79
CA ASP A 200 11.95 -8.46 -5.94
C ASP A 200 12.86 -8.24 -7.14
N ARG A 201 12.31 -7.71 -8.23
CA ARG A 201 13.08 -7.48 -9.45
C ARG A 201 13.77 -6.14 -9.46
N THR A 202 13.50 -5.27 -8.48
CA THR A 202 14.22 -4.01 -8.32
C THR A 202 14.59 -3.82 -6.85
N PRO A 203 15.41 -4.71 -6.31
CA PRO A 203 15.84 -4.53 -4.93
C PRO A 203 16.77 -3.35 -4.85
N THR A 204 16.75 -2.66 -3.72
CA THR A 204 17.70 -1.57 -3.56
C THR A 204 19.03 -2.05 -2.96
N LEU A 205 19.11 -3.32 -2.56
CA LEU A 205 20.33 -3.91 -2.03
C LEU A 205 20.35 -5.40 -2.42
N GLY A 206 21.54 -5.92 -2.71
CA GLY A 206 21.65 -7.31 -3.12
C GLY A 206 21.26 -7.52 -4.57
N GLU A 207 21.05 -8.79 -4.93
CA GLU A 207 20.74 -9.15 -6.30
C GLU A 207 19.31 -9.64 -6.45
N VAL A 208 18.84 -9.70 -7.69
CA VAL A 208 17.50 -10.22 -7.99
C VAL A 208 17.53 -11.71 -7.69
N PRO A 209 16.44 -12.30 -7.21
CA PRO A 209 16.42 -13.75 -6.99
C PRO A 209 16.89 -14.51 -8.23
N ASP A 210 17.44 -15.69 -8.00
CA ASP A 210 18.08 -16.43 -9.06
C ASP A 210 16.99 -17.27 -9.76
N PHE A 211 16.18 -16.58 -10.57
CA PHE A 211 15.06 -17.23 -11.25
C PHE A 211 15.53 -18.33 -12.18
N ASP A 212 16.63 -18.11 -12.90
CA ASP A 212 17.13 -19.15 -13.80
C ASP A 212 17.41 -20.43 -13.05
N ARG A 213 18.04 -20.31 -11.89
CA ARG A 213 18.43 -21.50 -11.18
C ARG A 213 17.22 -22.17 -10.56
N LEU A 214 16.21 -21.39 -10.16
CA LEU A 214 14.96 -22.00 -9.76
C LEU A 214 14.34 -22.82 -10.90
N LYS A 215 14.38 -22.30 -12.13
CA LYS A 215 13.84 -23.06 -13.28
C LYS A 215 14.61 -24.34 -13.52
N GLU A 216 15.96 -24.27 -13.48
CA GLU A 216 16.70 -25.52 -13.70
C GLU A 216 16.47 -26.50 -12.58
N LEU A 217 16.32 -26.01 -11.35
CA LEU A 217 16.01 -26.90 -10.24
C LEU A 217 14.67 -27.58 -10.47
N GLY A 218 13.69 -26.82 -10.96
CA GLY A 218 12.41 -27.42 -11.33
C GLY A 218 12.57 -28.55 -12.34
N LYS A 219 13.42 -28.35 -13.34
CA LYS A 219 13.54 -29.42 -14.34
C LYS A 219 14.46 -30.56 -13.94
N GLU A 220 15.40 -30.34 -13.03
CA GLU A 220 16.22 -31.45 -12.56
C GLU A 220 15.45 -32.36 -11.61
N GLY A 221 14.47 -31.81 -10.91
CA GLY A 221 13.62 -32.62 -10.06
C GLY A 221 13.63 -32.15 -8.62
N VAL A 222 12.50 -31.61 -8.16
CA VAL A 222 12.30 -31.22 -6.78
C VAL A 222 11.27 -32.17 -6.18
N ILE A 223 11.68 -32.91 -5.14
CA ILE A 223 10.79 -33.84 -4.45
C ILE A 223 9.77 -33.10 -3.60
N ALA A 224 10.19 -32.02 -2.95
CA ALA A 224 9.37 -31.40 -1.92
C ALA A 224 9.80 -29.96 -1.78
N LEU A 225 8.84 -29.04 -1.75
CA LEU A 225 9.05 -27.64 -1.46
C LEU A 225 8.47 -27.36 -0.08
N ILE A 226 9.28 -26.83 0.82
CA ILE A 226 8.80 -26.31 2.10
C ILE A 226 8.87 -24.80 2.00
N THR A 227 7.73 -24.12 2.17
CA THR A 227 7.74 -22.70 1.89
C THR A 227 6.83 -21.94 2.85
N GLU A 228 7.19 -20.70 3.15
CA GLU A 228 6.39 -19.89 4.05
C GLU A 228 5.01 -19.60 3.44
N SER A 229 4.00 -19.54 4.30
CA SER A 229 2.65 -19.19 3.89
C SER A 229 2.23 -17.81 4.40
N THR A 230 3.19 -17.00 4.87
CA THR A 230 2.92 -15.83 5.70
C THR A 230 1.91 -14.86 5.07
N ASN A 231 2.13 -14.49 3.81
CA ASN A 231 1.25 -13.58 3.11
C ASN A 231 0.62 -14.25 1.89
N ALA A 232 0.50 -15.58 1.90
CA ALA A 232 -0.19 -16.25 0.82
C ALA A 232 -1.64 -15.80 0.69
N GLY A 233 -2.16 -15.17 1.72
CA GLY A 233 -3.50 -14.61 1.64
C GLY A 233 -3.58 -13.21 1.07
N ARG A 234 -2.45 -12.54 0.86
CA ARG A 234 -2.48 -11.24 0.21
C ARG A 234 -2.48 -11.45 -1.31
N ASN A 235 -3.46 -10.89 -1.98
CA ASN A 235 -3.58 -11.13 -3.41
C ASN A 235 -2.48 -10.41 -4.18
N GLY A 236 -2.20 -10.91 -5.39
CA GLY A 236 -1.24 -10.23 -6.24
C GLY A 236 0.20 -10.60 -5.90
N LYS A 237 1.10 -9.64 -6.08
CA LYS A 237 2.51 -9.85 -5.79
C LYS A 237 3.01 -8.78 -4.83
N THR A 238 4.00 -9.15 -4.04
CA THR A 238 4.57 -8.22 -3.08
C THR A 238 5.15 -7.00 -3.80
N PRO A 239 4.81 -5.79 -3.38
CA PRO A 239 5.49 -4.62 -3.94
C PRO A 239 6.99 -4.68 -3.64
N SER A 240 7.76 -4.17 -4.58
CA SER A 240 9.21 -4.16 -4.43
C SER A 240 9.64 -3.27 -3.28
N GLU A 241 10.84 -3.54 -2.77
CA GLU A 241 11.41 -2.64 -1.76
C GLU A 241 11.64 -1.25 -2.33
N LEU A 242 11.73 -1.14 -3.66
CA LEU A 242 11.85 0.18 -4.28
C LEU A 242 10.62 1.02 -4.02
N ILE A 243 9.47 0.38 -3.81
CA ILE A 243 8.27 1.14 -3.48
C ILE A 243 8.40 1.79 -2.11
N ALA A 244 8.90 1.03 -1.12
CA ALA A 244 9.17 1.62 0.18
C ALA A 244 10.20 2.73 0.06
N HIS A 245 11.19 2.52 -0.81
CA HIS A 245 12.23 3.53 -0.99
C HIS A 245 11.63 4.83 -1.53
N MET A 246 10.71 4.74 -2.49
CA MET A 246 10.12 5.94 -3.08
C MET A 246 9.08 6.60 -2.17
N MET A 247 8.29 5.82 -1.43
CA MET A 247 7.37 6.43 -0.47
C MET A 247 8.12 7.14 0.62
N LEU A 248 9.19 6.52 1.12
CA LEU A 248 10.04 7.16 2.12
C LEU A 248 10.66 8.43 1.56
N LYS A 249 11.17 8.35 0.33
CA LYS A 249 11.78 9.54 -0.25
C LYS A 249 10.77 10.67 -0.36
N ASP A 250 9.52 10.33 -0.68
CA ASP A 250 8.54 11.41 -0.84
C ASP A 250 8.09 11.96 0.52
N VAL A 251 8.02 11.10 1.54
CA VAL A 251 7.74 11.59 2.89
C VAL A 251 8.83 12.53 3.38
N LEU A 252 10.09 12.17 3.11
CA LEU A 252 11.19 12.93 3.70
C LEU A 252 11.50 14.19 2.90
N LEU A 253 11.38 14.15 1.59
CA LEU A 253 11.76 15.26 0.71
C LEU A 253 10.58 16.03 0.17
N GLY A 254 9.44 15.37 -0.04
CA GLY A 254 8.31 16.05 -0.64
C GLY A 254 7.47 16.78 0.38
N THR A 255 7.94 17.95 0.81
CA THR A 255 7.22 18.67 1.85
C THR A 255 7.58 20.15 1.77
N GLU A 256 6.61 20.99 2.14
CA GLU A 256 6.83 22.42 2.28
C GLU A 256 7.28 22.80 3.69
N GLU A 257 7.41 21.83 4.58
CA GLU A 257 7.78 22.08 5.96
C GLU A 257 9.11 21.39 6.24
N SER A 258 10.15 21.75 5.48
CA SER A 258 11.40 20.99 5.48
C SER A 258 12.29 21.30 6.67
N ALA A 259 12.16 22.47 7.30
CA ALA A 259 12.96 22.82 8.45
C ALA A 259 12.38 22.27 9.76
N VAL A 260 11.46 21.33 9.69
CA VAL A 260 10.83 20.85 10.91
C VAL A 260 11.61 19.65 11.41
N GLY A 261 11.40 19.32 12.69
CA GLY A 261 12.02 18.13 13.24
C GLY A 261 11.50 16.88 12.57
N MET A 262 12.41 15.97 12.27
CA MET A 262 12.06 14.71 11.61
C MET A 262 12.87 13.60 12.26
N ILE A 263 12.22 12.49 12.58
CA ILE A 263 12.84 11.30 13.13
C ILE A 263 12.36 10.12 12.30
N VAL A 264 13.26 9.23 11.90
CA VAL A 264 12.86 8.01 11.23
C VAL A 264 13.22 6.83 12.12
N THR A 265 12.30 5.86 12.20
CA THR A 265 12.52 4.62 12.92
C THR A 265 12.14 3.45 12.02
N THR A 266 12.97 2.42 12.05
CA THR A 266 12.75 1.23 11.23
C THR A 266 13.51 0.06 11.85
N PHE A 267 13.28 -1.14 11.31
CA PHE A 267 14.00 -2.33 11.74
C PHE A 267 15.50 -2.13 11.57
N ALA A 268 16.26 -2.40 12.63
CA ALA A 268 17.70 -2.28 12.54
C ALA A 268 18.30 -3.27 11.56
N ALA A 269 17.66 -4.42 11.37
CA ALA A 269 18.22 -5.42 10.49
C ALA A 269 17.87 -5.17 9.04
N HIS A 270 16.96 -4.24 8.77
CA HIS A 270 16.56 -3.91 7.41
C HIS A 270 17.58 -2.92 6.84
N ILE A 271 18.72 -3.48 6.42
CA ILE A 271 19.86 -2.68 6.00
C ILE A 271 19.55 -1.92 4.72
N ALA A 272 18.69 -2.48 3.87
CA ALA A 272 18.29 -1.78 2.65
C ALA A 272 17.53 -0.50 3.00
N ARG A 273 16.55 -0.62 3.91
CA ARG A 273 15.78 0.56 4.33
C ARG A 273 16.69 1.59 4.96
N VAL A 274 17.55 1.14 5.89
CA VAL A 274 18.48 2.06 6.53
C VAL A 274 19.34 2.76 5.50
N ASN A 275 19.83 2.00 4.51
CA ASN A 275 20.67 2.57 3.46
C ASN A 275 19.93 3.69 2.73
N SER A 276 18.68 3.40 2.30
CA SER A 276 17.84 4.42 1.65
C SER A 276 17.73 5.68 2.50
N ILE A 277 17.41 5.49 3.79
CA ILE A 277 17.22 6.63 4.67
C ILE A 277 18.48 7.47 4.76
N VAL A 278 19.64 6.82 4.89
CA VAL A 278 20.89 7.59 5.04
C VAL A 278 21.17 8.40 3.77
N GLN A 279 20.99 7.77 2.60
CA GLN A 279 21.15 8.51 1.34
C GLN A 279 20.21 9.72 1.29
N PHE A 280 18.94 9.51 1.66
CA PHE A 280 18.03 10.64 1.66
C PHE A 280 18.52 11.76 2.55
N ALA A 281 19.09 11.41 3.72
CA ALA A 281 19.64 12.42 4.61
C ALA A 281 20.66 13.27 3.88
N GLN A 282 21.53 12.62 3.09
CA GLN A 282 22.44 13.43 2.29
C GLN A 282 21.66 14.37 1.38
N GLU A 283 20.61 13.87 0.74
CA GLU A 283 19.89 14.73 -0.19
C GLU A 283 19.12 15.85 0.52
N MET A 284 18.68 15.63 1.77
CA MET A 284 18.00 16.70 2.51
C MET A 284 18.94 17.70 3.13
N GLY A 285 20.25 17.55 2.92
CA GLY A 285 21.19 18.41 3.62
C GLY A 285 21.17 18.28 5.14
N ARG A 286 20.78 17.11 5.65
CA ARG A 286 20.83 16.82 7.07
C ARG A 286 21.91 15.77 7.30
N ILE A 287 22.37 15.68 8.54
CA ILE A 287 23.41 14.71 8.92
C ILE A 287 22.74 13.45 9.45
N PRO A 288 23.01 12.28 8.86
CA PRO A 288 22.37 11.04 9.31
C PRO A 288 22.99 10.56 10.63
N VAL A 289 22.16 10.35 11.65
CA VAL A 289 22.62 9.91 12.97
C VAL A 289 21.84 8.67 13.36
N LEU A 290 22.50 7.51 13.33
CA LEU A 290 21.87 6.26 13.75
C LEU A 290 22.00 6.13 15.27
N LEU A 291 20.90 5.82 15.92
CA LEU A 291 20.86 5.78 17.37
C LEU A 291 20.28 4.45 17.85
N GLY A 292 20.96 3.84 18.82
CA GLY A 292 20.48 2.59 19.37
C GLY A 292 21.49 1.48 19.22
N ARG A 293 21.64 0.67 20.27
CA ARG A 293 22.58 -0.44 20.26
C ARG A 293 22.34 -1.36 19.07
N SER A 294 21.07 -1.74 18.83
CA SER A 294 20.77 -2.63 17.71
C SER A 294 21.15 -2.01 16.39
N MET A 295 20.92 -0.70 16.26
CA MET A 295 21.24 -0.01 15.02
C MET A 295 22.74 -0.07 14.75
N GLU A 296 23.55 0.23 15.77
CA GLU A 296 25.00 0.21 15.57
C GLU A 296 25.52 -1.20 15.32
N ARG A 297 24.90 -2.21 15.94
CA ARG A 297 25.39 -3.57 15.75
C ARG A 297 25.05 -4.09 14.36
N TYR A 298 23.77 -4.04 13.97
CA TYR A 298 23.36 -4.53 12.66
C TYR A 298 23.97 -3.71 11.52
N VAL A 299 23.90 -2.38 11.61
CA VAL A 299 24.41 -1.55 10.53
C VAL A 299 25.92 -1.57 10.49
N GLY A 300 26.56 -1.52 11.66
CA GLY A 300 28.01 -1.62 11.68
C GLY A 300 28.50 -2.94 11.10
N THR A 301 27.86 -4.04 11.47
CA THR A 301 28.24 -5.33 10.91
C THR A 301 28.07 -5.32 9.40
N ALA A 302 26.97 -4.77 8.91
CA ALA A 302 26.80 -4.69 7.45
C ALA A 302 27.90 -3.87 6.80
N TYR A 303 28.32 -2.78 7.45
CA TYR A 303 29.35 -1.93 6.85
C TYR A 303 30.71 -2.61 6.84
N GLN A 304 31.08 -3.27 7.95
CA GLN A 304 32.41 -3.92 8.00
C GLN A 304 32.53 -5.04 6.98
N LEU A 305 31.42 -5.69 6.62
CA LEU A 305 31.47 -6.77 5.64
C LEU A 305 31.26 -6.27 4.22
N GLY A 306 31.20 -4.97 4.00
CA GLY A 306 31.05 -4.44 2.66
C GLY A 306 29.67 -4.54 2.07
N TYR A 307 28.65 -4.72 2.90
CA TYR A 307 27.29 -4.81 2.39
C TYR A 307 26.66 -3.45 2.13
N ILE A 308 27.13 -2.41 2.82
CA ILE A 308 26.72 -1.04 2.56
C ILE A 308 27.93 -0.13 2.64
N ASP A 309 27.89 0.94 1.86
CA ASP A 309 28.77 2.07 2.09
C ASP A 309 28.02 3.11 2.90
N LEU A 310 28.77 3.94 3.62
CA LEU A 310 28.15 4.97 4.44
C LEU A 310 28.83 6.30 4.17
N PRO A 311 28.11 7.41 4.19
CA PRO A 311 28.75 8.70 3.99
C PRO A 311 29.66 9.00 5.17
N GLU A 312 30.69 9.80 4.92
CA GLU A 312 31.66 10.05 5.98
C GLU A 312 31.09 10.93 7.08
N ASN A 313 30.01 11.65 6.83
CA ASN A 313 29.43 12.48 7.87
C ASN A 313 28.45 11.71 8.75
N VAL A 314 28.31 10.40 8.55
CA VAL A 314 27.41 9.59 9.38
C VAL A 314 27.89 9.60 10.83
N GLU A 315 26.96 9.55 11.77
CA GLU A 315 27.31 9.31 13.16
C GLU A 315 26.48 8.15 13.69
N ILE A 316 27.11 7.32 14.52
CA ILE A 316 26.50 6.06 14.95
C ILE A 316 26.83 5.85 16.42
N TYR A 317 25.80 5.76 17.26
CA TYR A 317 25.98 5.61 18.69
C TYR A 317 25.05 4.52 19.20
N GLY A 318 25.62 3.57 19.94
CA GLY A 318 24.87 2.46 20.47
C GLY A 318 24.77 2.46 21.96
N SER A 319 25.61 3.25 22.62
CA SER A 319 25.65 3.32 24.07
C SER A 319 24.80 4.49 24.56
N ARG A 320 24.24 4.35 25.77
CA ARG A 320 23.26 5.32 26.22
C ARG A 320 23.86 6.71 26.38
N ARG A 321 25.07 6.77 26.90
CA ARG A 321 25.75 8.03 27.11
C ARG A 321 26.00 8.75 25.81
N ASP A 322 26.48 8.08 24.81
CA ASP A 322 26.70 8.69 23.50
C ASP A 322 25.39 9.06 22.83
N ILE A 323 24.32 8.30 23.08
CA ILE A 323 23.02 8.59 22.47
C ILE A 323 22.43 9.88 23.06
N ASP A 324 22.42 9.99 24.39
CA ASP A 324 21.88 11.19 25.01
C ASP A 324 22.73 12.41 24.68
N ASN A 325 24.04 12.23 24.60
CA ASN A 325 24.88 13.33 24.19
C ASN A 325 24.57 13.76 22.76
N ALA A 326 24.38 12.80 21.86
CA ALA A 326 24.06 13.14 20.48
C ALA A 326 22.72 13.85 20.38
N LEU A 327 21.75 13.44 21.20
CA LEU A 327 20.44 14.08 21.15
C LEU A 327 20.51 15.49 21.71
N LYS A 328 21.33 15.72 22.74
CA LYS A 328 21.50 17.08 23.24
C LYS A 328 22.15 17.97 22.18
N LYS A 329 23.19 17.46 21.51
CA LYS A 329 23.78 18.18 20.40
C LYS A 329 22.73 18.51 19.33
N ILE A 330 21.91 17.52 18.97
CA ILE A 330 20.87 17.74 17.97
C ILE A 330 19.95 18.87 18.42
N MET A 331 19.61 18.92 19.71
CA MET A 331 18.63 19.89 20.16
C MET A 331 19.21 21.29 20.19
N GLU A 332 20.48 21.43 20.58
CA GLU A 332 21.03 22.77 20.68
C GLU A 332 21.59 23.27 19.35
N ALA A 333 21.72 22.41 18.36
CA ALA A 333 22.14 22.84 17.03
C ALA A 333 20.98 23.05 16.08
N GLY A 334 19.82 22.47 16.38
CA GLY A 334 18.66 22.59 15.50
C GLY A 334 18.27 21.28 14.87
N LYS A 335 17.06 20.82 15.16
CA LYS A 335 16.59 19.54 14.63
C LYS A 335 16.49 19.54 13.11
N ASP A 336 16.45 20.71 12.48
CA ASP A 336 16.45 20.81 11.02
C ASP A 336 17.77 20.37 10.39
N LYS A 337 18.83 20.17 11.18
CA LYS A 337 20.15 19.84 10.66
C LYS A 337 20.47 18.35 10.73
N TYR A 338 19.61 17.54 11.36
CA TYR A 338 19.90 16.14 11.54
C TYR A 338 18.71 15.30 11.10
N LEU A 339 19.00 14.07 10.71
CA LEU A 339 18.00 13.03 10.49
C LEU A 339 18.37 11.89 11.43
N PRO A 340 17.80 11.86 12.64
CA PRO A 340 18.01 10.70 13.53
C PRO A 340 17.27 9.49 12.98
N VAL A 341 17.98 8.38 12.92
CA VAL A 341 17.44 7.08 12.54
C VAL A 341 17.62 6.16 13.73
N MET A 342 16.52 5.71 14.33
CA MET A 342 16.63 5.15 15.67
C MET A 342 15.75 3.92 15.82
N THR A 343 16.09 3.15 16.85
CA THR A 343 15.27 2.03 17.31
C THR A 343 13.99 2.54 17.97
N GLY A 344 13.00 1.65 18.07
CA GLY A 344 11.81 1.94 18.83
C GLY A 344 10.52 1.92 18.04
N HIS A 345 10.58 1.37 16.82
CA HIS A 345 9.43 1.39 15.94
C HIS A 345 8.28 0.51 16.44
N GLN A 346 8.53 -0.46 17.30
CA GLN A 346 7.43 -1.21 17.91
C GLN A 346 7.20 -0.77 19.34
N GLY A 347 7.69 0.41 19.69
CA GLY A 347 7.54 0.89 21.05
C GLY A 347 8.25 0.04 22.06
N GLU A 348 9.30 -0.66 21.67
CA GLU A 348 10.00 -1.49 22.64
C GLU A 348 10.48 -0.60 23.78
N PRO A 349 10.44 -1.09 25.00
CA PRO A 349 10.89 -0.27 26.13
C PRO A 349 12.41 -0.33 26.19
N GLY A 350 13.01 0.81 26.49
CA GLY A 350 14.43 0.95 26.40
C GLY A 350 14.94 1.43 25.06
N ALA A 351 14.15 1.30 23.99
CA ALA A 351 14.61 1.77 22.70
C ALA A 351 14.61 3.30 22.67
N VAL A 352 15.37 3.86 21.71
CA VAL A 352 15.63 5.30 21.73
C VAL A 352 14.34 6.08 21.63
N LEU A 353 13.46 5.69 20.70
CA LEU A 353 12.26 6.50 20.49
C LEU A 353 11.30 6.42 21.66
N GLY A 354 11.27 5.28 22.37
CA GLY A 354 10.46 5.21 23.57
C GLY A 354 11.01 6.07 24.70
N ARG A 355 12.35 6.13 24.82
CA ARG A 355 12.92 6.98 25.86
C ARG A 355 12.69 8.46 25.53
N ILE A 356 12.78 8.83 24.26
CA ILE A 356 12.42 10.18 23.85
C ILE A 356 10.96 10.46 24.18
N ALA A 357 10.08 9.51 23.88
CA ALA A 357 8.67 9.73 24.10
C ALA A 357 8.34 9.84 25.59
N ASN A 358 9.11 9.17 26.45
CA ASN A 358 8.91 9.28 27.90
C ASN A 358 9.58 10.49 28.52
N GLY A 359 10.21 11.35 27.71
CA GLY A 359 10.89 12.52 28.25
C GLY A 359 12.19 12.25 28.98
N GLU A 360 12.79 11.06 28.82
CA GLU A 360 14.01 10.68 29.54
C GLU A 360 15.29 11.04 28.79
N THR A 361 15.24 12.06 27.94
CA THR A 361 16.25 12.28 26.93
C THR A 361 16.38 13.78 26.73
N PRO A 362 17.55 14.28 26.33
CA PRO A 362 17.64 15.72 26.03
C PRO A 362 16.81 16.16 24.84
N PHE A 363 16.43 15.25 23.96
CA PHE A 363 15.56 15.57 22.84
C PHE A 363 14.13 15.75 23.31
N LYS A 364 13.51 16.87 22.94
CA LYS A 364 12.13 17.16 23.29
C LYS A 364 11.31 17.23 22.02
N VAL A 365 10.29 16.39 21.92
CA VAL A 365 9.37 16.44 20.79
C VAL A 365 8.54 17.71 20.92
N GLU A 366 8.35 18.40 19.80
CA GLU A 366 7.59 19.64 19.76
C GLU A 366 6.54 19.55 18.66
N THR A 367 5.54 20.42 18.77
CA THR A 367 4.41 20.44 17.85
C THR A 367 4.90 20.52 16.40
N GLY A 368 4.42 19.60 15.56
CA GLY A 368 4.80 19.59 14.18
C GLY A 368 5.97 18.68 13.85
N ASP A 369 6.76 18.26 14.84
CA ASP A 369 7.81 17.28 14.60
C ASP A 369 7.21 16.03 13.98
N ARG A 370 7.92 15.47 13.01
CA ARG A 370 7.43 14.34 12.24
C ARG A 370 8.14 13.08 12.71
N ILE A 371 7.37 12.08 13.09
CA ILE A 371 7.87 10.77 13.46
C ILE A 371 7.46 9.81 12.37
N ILE A 372 8.44 9.23 11.69
CA ILE A 372 8.22 8.40 10.52
C ILE A 372 8.56 6.97 10.89
N PHE A 373 7.55 6.11 10.96
CA PHE A 373 7.68 4.68 11.19
C PHE A 373 7.81 4.02 9.83
N SER A 374 9.04 3.70 9.42
CA SER A 374 9.26 2.94 8.19
C SER A 374 9.19 1.45 8.51
N ALA A 375 7.99 1.03 8.90
CA ALA A 375 7.72 -0.30 9.43
C ALA A 375 6.21 -0.40 9.69
N ASN A 376 5.74 -1.62 9.75
CA ASN A 376 4.38 -1.93 10.17
C ASN A 376 4.37 -2.27 11.65
N VAL A 377 3.20 -2.21 12.26
CA VAL A 377 3.07 -2.68 13.64
C VAL A 377 2.86 -4.19 13.61
N ILE A 378 3.70 -4.93 14.32
CA ILE A 378 3.57 -6.39 14.37
C ILE A 378 2.20 -6.75 14.96
N PRO A 379 1.37 -7.59 14.27
CA PRO A 379 -0.01 -7.86 14.74
C PRO A 379 -0.09 -8.90 15.85
N ASN A 380 0.41 -8.56 17.03
CA ASN A 380 0.16 -9.33 18.21
C ASN A 380 -0.18 -8.34 19.33
N PRO A 381 -1.10 -8.69 20.23
CA PRO A 381 -1.57 -7.71 21.22
C PRO A 381 -0.49 -7.03 22.06
N MET A 382 0.61 -7.73 22.38
CA MET A 382 1.66 -7.15 23.21
C MET A 382 2.33 -5.97 22.50
N THR A 383 2.73 -6.19 21.25
CA THR A 383 3.37 -5.15 20.46
C THR A 383 2.38 -4.04 20.11
N GLN A 384 1.12 -4.38 19.85
CA GLN A 384 0.13 -3.34 19.60
C GLN A 384 -0.04 -2.45 20.83
N ALA A 385 0.05 -3.03 22.02
CA ALA A 385 -0.01 -2.21 23.23
C ALA A 385 1.20 -1.30 23.33
N ASN A 386 2.40 -1.84 23.10
CA ASN A 386 3.57 -0.97 23.17
C ASN A 386 3.49 0.17 22.15
N ARG A 387 3.10 -0.14 20.93
CA ARG A 387 3.09 0.88 19.90
C ARG A 387 2.00 1.89 20.16
N TYR A 388 0.87 1.45 20.72
CA TYR A 388 -0.20 2.39 21.06
C TYR A 388 0.23 3.34 22.18
N ALA A 389 0.91 2.82 23.20
CA ALA A 389 1.42 3.68 24.27
C ALA A 389 2.44 4.70 23.74
N LEU A 390 3.37 4.22 22.90
CA LEU A 390 4.37 5.12 22.30
C LEU A 390 3.73 6.20 21.44
N GLU A 391 2.88 5.78 20.50
CA GLU A 391 2.22 6.73 19.62
C GLU A 391 1.42 7.75 20.41
N THR A 392 0.67 7.29 21.43
CA THR A 392 -0.08 8.24 22.24
C THR A 392 0.85 9.27 22.87
N LYS A 393 1.94 8.81 23.48
CA LYS A 393 2.85 9.75 24.12
C LYS A 393 3.43 10.74 23.12
N LEU A 394 3.75 10.29 21.92
CA LEU A 394 4.31 11.21 20.93
C LEU A 394 3.26 12.20 20.44
N LYS A 395 2.02 11.75 20.24
CA LYS A 395 0.97 12.66 19.81
C LYS A 395 0.65 13.67 20.89
N MET A 396 0.74 13.26 22.16
CA MET A 396 0.43 14.21 23.22
C MET A 396 1.45 15.33 23.28
N LYS A 397 2.65 15.15 22.72
CA LYS A 397 3.64 16.23 22.64
C LYS A 397 3.66 16.94 21.31
N GLY A 398 2.62 16.77 20.48
CA GLY A 398 2.50 17.53 19.25
C GLY A 398 3.09 16.87 18.02
N ALA A 399 3.56 15.64 18.12
CA ALA A 399 4.16 14.97 16.96
C ALA A 399 3.11 14.67 15.88
N ARG A 400 3.61 14.60 14.65
CA ARG A 400 2.85 14.19 13.46
C ARG A 400 3.37 12.84 13.05
N ILE A 401 2.48 11.86 12.97
CA ILE A 401 2.85 10.45 12.81
C ILE A 401 2.68 10.04 11.36
N TYR A 402 3.76 9.54 10.74
CA TYR A 402 3.71 8.90 9.43
C TYR A 402 3.97 7.42 9.66
N ASP A 403 2.97 6.59 9.42
CA ASP A 403 3.00 5.18 9.75
C ASP A 403 3.06 4.32 8.49
N ASN A 404 3.59 3.12 8.65
CA ASN A 404 3.58 2.08 7.63
C ASN A 404 4.19 2.58 6.30
N VAL A 405 5.28 3.33 6.40
CA VAL A 405 6.02 3.71 5.21
C VAL A 405 6.94 2.55 4.88
N HIS A 406 6.39 1.55 4.21
CA HIS A 406 6.89 0.20 4.36
C HIS A 406 6.23 -0.68 3.31
N VAL A 407 6.95 -1.70 2.87
CA VAL A 407 6.35 -2.80 2.12
C VAL A 407 6.80 -4.09 2.80
N SER A 408 6.00 -5.13 2.58
CA SER A 408 6.24 -6.42 3.21
C SER A 408 7.52 -7.07 2.71
N GLY A 409 8.13 -7.88 3.58
CA GLY A 409 9.28 -8.69 3.24
C GLY A 409 8.95 -10.08 2.74
N HIS A 410 7.66 -10.41 2.59
CA HIS A 410 7.23 -11.76 2.29
C HIS A 410 6.46 -11.85 0.97
N ALA A 411 6.60 -13.00 0.34
CA ALA A 411 5.92 -13.31 -0.90
C ALA A 411 4.41 -13.27 -0.71
N TYR A 412 3.71 -12.75 -1.71
CA TYR A 412 2.25 -12.78 -1.78
C TYR A 412 1.79 -13.99 -2.57
N ARG A 413 0.48 -14.09 -2.78
CA ARG A 413 -0.09 -15.32 -3.34
C ARG A 413 0.43 -15.62 -4.74
N GLU A 414 0.53 -14.62 -5.58
CA GLU A 414 0.94 -14.87 -6.95
C GLU A 414 2.45 -15.08 -7.06
N ASP A 415 3.24 -14.50 -6.15
CA ASP A 415 4.64 -14.89 -6.08
C ASP A 415 4.77 -16.38 -5.77
N HIS A 416 3.94 -16.89 -4.85
CA HIS A 416 3.93 -18.32 -4.56
C HIS A 416 3.47 -19.12 -5.78
N TRP A 417 2.49 -18.61 -6.51
CA TRP A 417 2.04 -19.24 -7.75
C TRP A 417 3.20 -19.41 -8.72
N GLU A 418 3.96 -18.34 -8.93
CA GLU A 418 5.05 -18.43 -9.89
C GLU A 418 6.17 -19.29 -9.37
N LEU A 419 6.36 -19.32 -8.05
CA LEU A 419 7.42 -20.17 -7.53
C LEU A 419 7.06 -21.63 -7.70
N LEU A 420 5.78 -21.99 -7.52
CA LEU A 420 5.34 -23.33 -7.85
C LEU A 420 5.53 -23.61 -9.33
N ARG A 421 5.25 -22.62 -10.18
CA ARG A 421 5.41 -22.85 -11.61
C ARG A 421 6.86 -23.10 -11.97
N MET A 422 7.79 -22.52 -11.22
CA MET A 422 9.18 -22.70 -11.59
C MET A 422 9.83 -23.92 -10.97
N LEU A 423 9.53 -24.21 -9.71
CA LEU A 423 10.15 -25.35 -9.04
C LEU A 423 9.47 -26.65 -9.37
N LYS A 424 8.19 -26.61 -9.75
CA LYS A 424 7.42 -27.81 -10.07
C LYS A 424 7.67 -28.92 -9.05
N PRO A 425 7.47 -28.68 -7.76
CA PRO A 425 7.73 -29.75 -6.80
C PRO A 425 6.69 -30.85 -6.89
N GLU A 426 7.12 -32.06 -6.58
CA GLU A 426 6.16 -33.16 -6.47
C GLU A 426 5.28 -32.98 -5.27
N HIS A 427 5.85 -32.54 -4.14
CA HIS A 427 5.07 -32.27 -2.94
C HIS A 427 5.38 -30.89 -2.41
N VAL A 428 4.39 -30.30 -1.75
CA VAL A 428 4.47 -28.96 -1.20
C VAL A 428 4.01 -28.99 0.26
N ILE A 429 4.77 -28.32 1.12
CA ILE A 429 4.53 -28.24 2.56
C ILE A 429 4.62 -26.77 2.99
N PRO A 430 3.49 -26.13 3.28
CA PRO A 430 3.53 -24.79 3.90
C PRO A 430 4.11 -24.85 5.30
N ALA A 431 4.90 -23.84 5.63
CA ALA A 431 5.55 -23.70 6.93
C ALA A 431 5.47 -22.25 7.32
N HIS A 432 6.04 -21.91 8.49
CA HIS A 432 6.21 -20.51 8.85
C HIS A 432 4.86 -19.77 8.93
N GLY A 433 3.94 -20.30 9.72
CA GLY A 433 2.71 -19.57 9.96
C GLY A 433 1.71 -20.36 10.78
N THR A 434 0.55 -19.72 10.99
CA THR A 434 -0.59 -20.37 11.63
C THR A 434 -1.27 -21.29 10.61
N ILE A 435 -2.18 -22.14 11.09
CA ILE A 435 -2.96 -22.95 10.17
C ILE A 435 -3.81 -22.07 9.26
N GLN A 436 -4.17 -20.87 9.70
CA GLN A 436 -4.95 -19.98 8.84
C GLN A 436 -4.15 -19.52 7.62
N MET A 437 -2.88 -19.18 7.83
CA MET A 437 -2.03 -18.84 6.71
C MET A 437 -1.82 -20.03 5.78
N HIS A 438 -1.62 -21.22 6.36
CA HIS A 438 -1.47 -22.40 5.52
C HIS A 438 -2.73 -22.65 4.72
N SER A 439 -3.89 -22.27 5.28
CA SER A 439 -5.17 -22.41 4.59
C SER A 439 -5.20 -21.58 3.32
N GLU A 440 -4.72 -20.34 3.41
CA GLU A 440 -4.60 -19.51 2.22
C GLU A 440 -3.67 -20.16 1.20
N TYR A 441 -2.54 -20.66 1.68
CA TYR A 441 -1.59 -21.28 0.75
C TYR A 441 -2.21 -22.49 0.08
N ILE A 442 -3.01 -23.24 0.84
CA ILE A 442 -3.58 -24.47 0.29
C ILE A 442 -4.51 -24.15 -0.85
N GLN A 443 -5.35 -23.12 -0.69
CA GLN A 443 -6.23 -22.79 -1.81
C GLN A 443 -5.41 -22.46 -3.06
N MET A 444 -4.30 -21.72 -2.90
CA MET A 444 -3.49 -21.39 -4.07
C MET A 444 -2.88 -22.66 -4.69
N ALA A 445 -2.30 -23.54 -3.87
CA ALA A 445 -1.68 -24.74 -4.41
C ALA A 445 -2.69 -25.66 -5.08
N GLU A 446 -3.94 -25.68 -4.61
CA GLU A 446 -4.87 -26.54 -5.34
C GLU A 446 -5.25 -25.93 -6.66
N ASP A 447 -5.30 -24.59 -6.75
CA ASP A 447 -5.47 -24.03 -8.09
C ASP A 447 -4.33 -24.41 -9.02
N ALA A 448 -3.17 -24.74 -8.48
CA ALA A 448 -2.01 -25.07 -9.28
C ALA A 448 -1.90 -26.55 -9.58
N GLY A 449 -2.84 -27.37 -9.10
CA GLY A 449 -2.86 -28.78 -9.45
C GLY A 449 -2.55 -29.73 -8.31
N TYR A 450 -2.24 -29.25 -7.11
CA TYR A 450 -1.91 -30.12 -5.99
C TYR A 450 -3.18 -30.53 -5.25
N SER A 451 -3.10 -31.67 -4.55
CA SER A 451 -4.21 -32.15 -3.74
C SER A 451 -3.75 -32.39 -2.30
N LEU A 452 -4.54 -31.90 -1.36
CA LEU A 452 -4.16 -31.95 0.05
C LEU A 452 -4.24 -33.39 0.53
N GLY A 453 -3.28 -33.78 1.36
CA GLY A 453 -3.22 -35.16 1.77
C GLY A 453 -2.65 -36.10 0.74
N ASP A 454 -2.25 -35.60 -0.43
CA ASP A 454 -1.66 -36.44 -1.45
C ASP A 454 -0.34 -35.87 -1.95
N THR A 455 -0.39 -34.69 -2.56
CA THR A 455 0.80 -33.97 -2.97
C THR A 455 0.97 -32.62 -2.27
N LEU A 456 0.04 -32.29 -1.38
CA LEU A 456 0.08 -31.04 -0.64
C LEU A 456 -0.23 -31.38 0.80
N HIS A 457 0.61 -30.93 1.73
CA HIS A 457 0.53 -31.48 3.08
C HIS A 457 0.51 -30.41 4.14
N LEU A 458 -0.45 -30.50 5.05
CA LEU A 458 -0.58 -29.54 6.13
C LEU A 458 -0.05 -30.26 7.38
N LEU A 459 1.08 -29.79 7.89
CA LEU A 459 1.71 -30.44 9.03
C LEU A 459 1.55 -29.58 10.27
N ARG A 460 1.54 -30.24 11.42
CA ARG A 460 1.55 -29.57 12.70
C ARG A 460 2.89 -29.79 13.37
N ASN A 461 3.23 -28.90 14.31
CA ASN A 461 4.46 -29.09 15.05
C ASN A 461 4.45 -30.49 15.64
N GLY A 462 5.58 -31.17 15.53
CA GLY A 462 5.73 -32.50 16.07
C GLY A 462 5.48 -33.65 15.12
N GLU A 463 5.08 -33.38 13.88
CA GLU A 463 4.70 -34.42 12.94
C GLU A 463 5.82 -34.67 11.92
N GLU A 464 6.02 -35.93 11.55
CA GLU A 464 6.96 -36.32 10.52
C GLU A 464 6.19 -36.88 9.34
N LEU A 465 6.33 -36.24 8.19
CA LEU A 465 5.78 -36.70 6.92
C LEU A 465 6.78 -37.61 6.22
N TYR A 466 6.34 -38.81 5.82
CA TYR A 466 7.14 -39.75 5.08
C TYR A 466 6.87 -39.66 3.57
N ILE A 467 7.94 -39.55 2.79
CA ILE A 467 7.89 -39.51 1.34
C ILE A 467 8.79 -40.60 0.80
N GLU A 468 8.22 -41.58 0.10
CA GLU A 468 8.97 -42.67 -0.52
C GLU A 468 9.06 -42.48 -2.03
N GLU A 469 10.05 -43.11 -2.62
CA GLU A 469 10.09 -43.28 -4.07
C GLU A 469 9.06 -44.31 -4.50
N ASP A 470 8.34 -44.01 -5.57
CA ASP A 470 7.38 -44.95 -6.17
C ASP A 470 8.09 -46.21 -6.64
N HIS B 8 -9.99 59.04 42.89
CA HIS B 8 -11.23 58.39 42.47
C HIS B 8 -11.06 57.52 41.21
N HIS B 9 -10.22 57.95 40.25
CA HIS B 9 -10.16 57.29 38.94
C HIS B 9 -8.72 57.09 38.46
N HIS B 10 -8.51 55.99 37.74
CA HIS B 10 -7.19 55.65 37.20
C HIS B 10 -7.33 55.12 35.78
N SER B 11 -6.26 55.28 34.99
CA SER B 11 -6.22 54.64 33.67
C SER B 11 -5.84 53.18 33.83
N SER B 12 -6.50 52.32 33.07
CA SER B 12 -6.32 50.88 33.20
C SER B 12 -6.09 50.20 31.86
N GLY B 13 -5.91 50.96 30.80
CA GLY B 13 -5.71 50.37 29.50
C GLY B 13 -5.73 51.38 28.38
N LEU B 14 -5.02 51.06 27.32
CA LEU B 14 -5.24 51.67 26.02
C LEU B 14 -5.35 50.52 25.03
N VAL B 15 -6.36 50.55 24.16
CA VAL B 15 -6.57 49.54 23.15
C VAL B 15 -6.59 50.22 21.78
N PRO B 16 -5.68 49.87 20.87
CA PRO B 16 -5.80 50.34 19.48
C PRO B 16 -6.93 49.63 18.75
N ARG B 17 -7.84 50.41 18.16
CA ARG B 17 -8.93 49.87 17.35
C ARG B 17 -8.49 49.71 15.91
N GLY B 18 -8.95 48.65 15.26
CA GLY B 18 -8.66 48.48 13.86
C GLY B 18 -9.68 49.17 12.97
N SER B 19 -9.28 49.39 11.71
CA SER B 19 -10.17 49.92 10.69
C SER B 19 -10.90 48.78 9.98
N HIS B 20 -12.01 49.14 9.31
CA HIS B 20 -12.87 48.16 8.65
C HIS B 20 -13.39 48.80 7.38
N MET B 21 -12.56 48.74 6.32
CA MET B 21 -12.83 49.45 5.08
C MET B 21 -13.77 48.68 4.16
N ALA B 22 -13.82 47.38 4.29
CA ALA B 22 -14.71 46.55 3.48
C ALA B 22 -15.44 45.61 4.40
N SER B 23 -16.74 45.47 4.18
CA SER B 23 -17.55 44.55 4.95
C SER B 23 -18.25 43.63 3.96
N THR B 24 -18.00 42.33 4.09
CA THR B 24 -18.64 41.35 3.22
C THR B 24 -19.36 40.32 4.08
N GLU B 25 -20.57 39.96 3.66
CA GLU B 25 -21.26 38.84 4.28
C GLU B 25 -21.02 37.62 3.38
N ILE B 26 -20.43 36.59 3.95
CA ILE B 26 -20.14 35.33 3.26
C ILE B 26 -21.11 34.29 3.79
N GLY B 27 -21.69 33.52 2.88
CA GLY B 27 -22.45 32.36 3.27
C GLY B 27 -21.85 31.10 2.70
N ILE B 28 -21.62 30.10 3.53
CA ILE B 28 -21.20 28.78 3.09
C ILE B 28 -22.41 27.88 3.29
N ILE B 29 -23.05 27.47 2.20
CA ILE B 29 -24.26 26.66 2.25
C ILE B 29 -23.93 25.24 1.82
N ALA B 30 -24.14 24.30 2.74
CA ALA B 30 -23.94 22.89 2.46
C ALA B 30 -25.22 22.33 1.83
N VAL B 31 -25.14 21.88 0.58
CA VAL B 31 -26.34 21.43 -0.10
C VAL B 31 -26.41 19.91 -0.19
N GLY B 32 -25.34 19.27 -0.64
CA GLY B 32 -25.28 17.82 -0.67
C GLY B 32 -23.84 17.40 -0.51
N GLY B 33 -23.65 16.18 -0.01
CA GLY B 33 -22.32 15.65 0.21
C GLY B 33 -21.71 15.95 1.56
N TYR B 34 -22.46 16.56 2.47
CA TYR B 34 -21.99 16.82 3.83
C TYR B 34 -22.46 15.79 4.83
N ASN B 35 -23.50 15.01 4.52
CA ASN B 35 -23.95 13.92 5.37
C ASN B 35 -23.59 12.56 4.80
N GLU B 36 -22.97 12.53 3.63
CA GLU B 36 -22.81 11.27 2.91
C GLU B 36 -21.71 11.45 1.87
N MET B 37 -21.18 10.33 1.39
CA MET B 37 -20.32 10.33 0.22
C MET B 37 -21.16 10.37 -1.04
N GLY B 38 -20.88 11.32 -1.91
CA GLY B 38 -21.60 11.48 -3.16
C GLY B 38 -22.51 12.70 -3.13
N ARG B 39 -22.99 13.08 -4.32
CA ARG B 39 -23.98 14.13 -4.47
C ARG B 39 -23.49 15.45 -3.86
N ASN B 40 -22.24 15.79 -4.14
CA ASN B 40 -21.64 17.00 -3.62
C ASN B 40 -22.24 18.25 -4.27
N MET B 41 -22.50 19.24 -3.43
CA MET B 41 -22.91 20.55 -3.90
C MET B 41 -22.77 21.54 -2.76
N THR B 42 -22.08 22.64 -3.04
CA THR B 42 -21.86 23.74 -2.10
C THR B 42 -22.31 25.03 -2.77
N ALA B 43 -22.85 25.95 -1.97
CA ALA B 43 -23.11 27.31 -2.45
C ALA B 43 -22.30 28.31 -1.65
N ILE B 44 -21.60 29.20 -2.33
CA ILE B 44 -20.81 30.25 -1.73
C ILE B 44 -21.49 31.56 -2.05
N ARG B 45 -22.09 32.19 -1.04
CA ARG B 45 -22.75 33.47 -1.20
C ARG B 45 -21.80 34.59 -0.80
N VAL B 46 -21.68 35.58 -1.66
CA VAL B 46 -20.96 36.81 -1.39
C VAL B 46 -21.99 37.93 -1.44
N ASN B 47 -22.35 38.45 -0.26
CA ASN B 47 -23.49 39.36 -0.09
C ASN B 47 -24.77 38.78 -0.67
N GLU B 48 -25.08 39.11 -1.92
CA GLU B 48 -26.29 38.61 -2.56
C GLU B 48 -26.02 37.98 -3.93
N ASP B 49 -24.77 37.63 -4.23
CA ASP B 49 -24.49 36.80 -5.38
C ASP B 49 -24.01 35.43 -4.90
N ILE B 50 -24.34 34.39 -5.66
CA ILE B 50 -24.02 33.02 -5.26
C ILE B 50 -23.23 32.35 -6.36
N ILE B 51 -22.18 31.62 -5.95
CA ILE B 51 -21.43 30.71 -6.78
C ILE B 51 -21.73 29.31 -6.29
N ILE B 52 -22.34 28.48 -7.13
CA ILE B 52 -22.47 27.07 -6.80
C ILE B 52 -21.19 26.37 -7.23
N ILE B 53 -20.70 25.47 -6.38
CA ILE B 53 -19.53 24.64 -6.69
C ILE B 53 -19.96 23.18 -6.58
N ASP B 54 -19.91 22.48 -7.71
CA ASP B 54 -20.21 21.07 -7.91
C ASP B 54 -21.70 20.74 -7.77
N MET B 55 -22.17 19.78 -8.58
CA MET B 55 -23.51 19.20 -8.46
C MET B 55 -23.35 17.72 -8.80
N GLY B 56 -23.12 16.92 -7.78
CA GLY B 56 -22.81 15.53 -7.97
C GLY B 56 -24.00 14.61 -7.81
N ILE B 57 -23.76 13.37 -8.21
CA ILE B 57 -24.69 12.25 -8.06
C ILE B 57 -24.14 11.34 -6.99
N ARG B 58 -25.01 10.70 -6.25
CA ARG B 58 -24.62 9.66 -5.32
C ARG B 58 -25.08 8.31 -5.89
N LEU B 59 -24.11 7.52 -6.35
CA LEU B 59 -24.47 6.46 -7.27
C LEU B 59 -25.12 5.30 -6.53
N ASP B 60 -24.76 5.09 -5.26
CA ASP B 60 -25.29 3.90 -4.59
C ASP B 60 -26.76 4.03 -4.28
N ARG B 61 -27.26 5.26 -4.09
CA ARG B 61 -28.69 5.47 -3.93
C ARG B 61 -29.46 5.20 -5.20
N VAL B 62 -28.80 5.21 -6.35
CA VAL B 62 -29.43 4.69 -7.54
C VAL B 62 -29.39 3.17 -7.54
N GLN B 63 -28.29 2.58 -7.05
CA GLN B 63 -28.13 1.14 -7.18
C GLN B 63 -29.05 0.36 -6.26
N ILE B 64 -29.59 0.95 -5.19
CA ILE B 64 -30.48 0.14 -4.34
C ILE B 64 -31.88 0.00 -4.92
N HIS B 65 -32.20 0.74 -5.96
CA HIS B 65 -33.44 0.53 -6.69
C HIS B 65 -33.10 -0.12 -8.03
N GLU B 66 -33.89 -1.09 -8.44
CA GLU B 66 -33.48 -1.87 -9.59
C GLU B 66 -34.04 -1.38 -10.92
N ASP B 67 -35.26 -0.83 -10.96
CA ASP B 67 -35.75 -0.29 -12.22
C ASP B 67 -34.94 0.94 -12.67
N VAL B 68 -35.08 2.09 -11.98
CA VAL B 68 -34.34 3.30 -12.35
C VAL B 68 -34.26 3.67 -13.82
N ASP B 69 -33.02 3.79 -14.34
CA ASP B 69 -32.66 4.66 -15.46
C ASP B 69 -32.80 6.12 -15.01
N THR B 70 -31.67 6.74 -14.59
CA THR B 70 -31.71 8.12 -14.11
C THR B 70 -31.89 9.13 -15.23
N ASP B 71 -31.60 8.74 -16.49
CA ASP B 71 -31.74 9.66 -17.60
C ASP B 71 -33.16 10.16 -17.80
N ARG B 72 -34.18 9.43 -17.35
CA ARG B 72 -35.53 9.94 -17.53
C ARG B 72 -36.23 10.36 -16.25
N MET B 73 -35.64 10.15 -15.08
CA MET B 73 -36.34 10.52 -13.87
C MET B 73 -36.26 12.02 -13.66
N HIS B 74 -37.28 12.55 -13.00
CA HIS B 74 -37.31 13.97 -12.71
C HIS B 74 -36.40 14.27 -11.51
N SER B 75 -35.95 15.52 -11.43
CA SER B 75 -35.17 16.02 -10.30
C SER B 75 -35.80 15.63 -8.97
N LEU B 76 -37.11 15.82 -8.86
CA LEU B 76 -37.80 15.68 -7.58
C LEU B 76 -37.63 14.27 -7.03
N GLU B 77 -37.85 13.26 -7.87
CA GLU B 77 -37.76 11.90 -7.39
C GLU B 77 -36.32 11.50 -7.09
N LEU B 78 -35.36 12.03 -7.84
CA LEU B 78 -33.99 11.77 -7.50
C LEU B 78 -33.62 12.42 -6.17
N ILE B 79 -34.19 13.59 -5.87
CA ILE B 79 -33.91 14.20 -4.57
C ILE B 79 -34.50 13.37 -3.45
N GLU B 80 -35.69 12.82 -3.65
CA GLU B 80 -36.22 12.00 -2.58
C GLU B 80 -35.54 10.64 -2.47
N MET B 81 -34.93 10.13 -3.55
CA MET B 81 -34.05 8.98 -3.38
C MET B 81 -32.72 9.38 -2.78
N GLY B 82 -32.31 10.62 -3.04
CA GLY B 82 -31.06 11.27 -2.68
C GLY B 82 -29.66 10.69 -2.71
N ALA B 83 -28.99 10.31 -3.79
CA ALA B 83 -29.15 10.43 -5.25
C ALA B 83 -28.60 11.78 -5.73
N ILE B 84 -29.36 12.87 -5.64
CA ILE B 84 -28.82 14.17 -6.02
C ILE B 84 -29.08 15.14 -4.89
N PRO B 85 -28.40 16.29 -4.90
CA PRO B 85 -28.56 17.24 -3.79
C PRO B 85 -29.94 17.89 -3.78
N ASP B 86 -30.44 18.15 -2.58
CA ASP B 86 -31.72 18.83 -2.44
C ASP B 86 -31.44 20.32 -2.52
N ASP B 87 -31.44 20.84 -3.74
CA ASP B 87 -31.20 22.26 -3.92
C ASP B 87 -32.44 23.12 -3.73
N THR B 88 -33.58 22.55 -3.33
CA THR B 88 -34.73 23.41 -3.08
C THR B 88 -34.49 24.35 -1.91
N ILE B 89 -33.53 24.03 -1.03
CA ILE B 89 -33.14 24.97 0.03
C ILE B 89 -32.64 26.29 -0.56
N MET B 90 -32.22 26.29 -1.83
CA MET B 90 -31.71 27.52 -2.42
C MET B 90 -32.81 28.53 -2.66
N ASN B 91 -34.08 28.15 -2.51
CA ASN B 91 -35.14 29.14 -2.59
C ASN B 91 -35.17 30.05 -1.37
N GLU B 92 -34.45 29.67 -0.31
CA GLU B 92 -34.45 30.30 1.00
C GLU B 92 -33.12 30.97 1.28
N VAL B 93 -32.16 30.90 0.34
CA VAL B 93 -30.86 31.55 0.44
C VAL B 93 -30.97 32.90 -0.23
N ASN B 94 -30.56 33.95 0.48
CA ASN B 94 -30.82 35.32 0.05
C ASN B 94 -29.74 35.76 -0.95
N GLY B 95 -29.91 35.32 -2.19
CA GLY B 95 -29.02 35.76 -3.25
C GLY B 95 -29.42 35.08 -4.56
N ASN B 96 -28.76 35.51 -5.64
CA ASN B 96 -29.00 34.90 -6.93
C ASN B 96 -27.73 34.24 -7.45
N VAL B 97 -27.91 33.07 -8.07
CA VAL B 97 -26.78 32.29 -8.52
C VAL B 97 -26.21 32.95 -9.77
N ARG B 98 -24.91 33.16 -9.80
CA ARG B 98 -24.30 33.75 -10.97
C ARG B 98 -23.37 32.79 -11.70
N ALA B 99 -23.02 31.66 -11.10
CA ALA B 99 -22.16 30.71 -11.78
C ALA B 99 -22.29 29.35 -11.11
N ILE B 100 -22.11 28.32 -11.92
CA ILE B 100 -21.96 26.96 -11.43
C ILE B 100 -20.56 26.51 -11.80
N VAL B 101 -19.75 26.21 -10.79
CA VAL B 101 -18.39 25.74 -10.99
C VAL B 101 -18.34 24.25 -10.68
N CYS B 102 -17.67 23.48 -11.53
CA CYS B 102 -17.36 22.08 -11.24
C CYS B 102 -15.85 21.90 -11.17
N THR B 103 -15.35 21.32 -10.09
CA THR B 103 -13.92 21.22 -9.88
C THR B 103 -13.26 20.12 -10.70
N HIS B 104 -14.01 19.13 -11.17
CA HIS B 104 -13.48 18.06 -12.02
C HIS B 104 -14.65 17.24 -12.55
N GLY B 105 -14.34 16.20 -13.32
CA GLY B 105 -15.33 15.49 -14.10
C GLY B 105 -15.90 14.22 -13.52
N HIS B 106 -15.56 13.84 -12.29
CA HIS B 106 -16.19 12.68 -11.65
C HIS B 106 -17.67 12.93 -11.40
N LEU B 107 -18.45 11.84 -11.36
CA LEU B 107 -19.90 12.00 -11.28
C LEU B 107 -20.36 12.52 -9.92
N ASP B 108 -19.57 12.36 -8.87
CA ASP B 108 -19.96 12.94 -7.62
C ASP B 108 -19.74 14.44 -7.60
N HIS B 109 -19.29 15.02 -8.71
CA HIS B 109 -19.21 16.47 -8.88
C HIS B 109 -19.99 17.01 -10.07
N ILE B 110 -20.27 16.20 -11.09
CA ILE B 110 -21.02 16.70 -12.25
C ILE B 110 -22.27 15.90 -12.52
N GLY B 111 -22.49 14.79 -11.80
CA GLY B 111 -23.58 13.86 -12.16
C GLY B 111 -24.97 14.46 -12.08
N ALA B 112 -25.17 15.46 -11.23
CA ALA B 112 -26.49 16.09 -11.12
C ALA B 112 -26.64 17.31 -12.03
N ILE B 113 -25.59 17.67 -12.77
CA ILE B 113 -25.69 18.84 -13.66
C ILE B 113 -26.87 18.76 -14.60
N PRO B 114 -27.12 17.68 -15.34
CA PRO B 114 -28.27 17.62 -16.25
C PRO B 114 -29.61 17.59 -15.55
N LYS B 115 -29.65 17.52 -14.22
CA LYS B 115 -30.90 17.54 -13.50
C LYS B 115 -31.19 18.85 -12.79
N LEU B 116 -30.16 19.62 -12.46
CA LEU B 116 -30.37 20.78 -11.60
C LEU B 116 -29.89 22.07 -12.27
N ALA B 117 -28.84 21.99 -13.11
CA ALA B 117 -28.19 23.20 -13.61
C ALA B 117 -29.12 24.08 -14.42
N HIS B 118 -30.07 23.47 -15.15
CA HIS B 118 -30.88 24.24 -16.07
C HIS B 118 -31.81 25.22 -15.38
N ARG B 119 -32.01 25.11 -14.07
CA ARG B 119 -32.87 26.07 -13.41
C ARG B 119 -32.14 27.31 -12.93
N TYR B 120 -30.85 27.42 -13.19
CA TYR B 120 -30.08 28.56 -12.77
C TYR B 120 -29.65 29.36 -13.97
N ALA B 121 -29.87 30.68 -13.91
CA ALA B 121 -29.44 31.61 -14.94
C ALA B 121 -27.96 31.90 -14.70
N ALA B 122 -27.12 30.93 -15.09
CA ALA B 122 -25.71 30.97 -14.76
C ALA B 122 -24.96 30.08 -15.74
N PRO B 123 -23.74 30.45 -16.13
CA PRO B 123 -22.89 29.51 -16.87
C PRO B 123 -22.41 28.40 -15.96
N ILE B 124 -21.98 27.30 -16.59
CA ILE B 124 -21.25 26.23 -15.92
C ILE B 124 -19.78 26.40 -16.29
N ILE B 125 -18.90 26.47 -15.29
CA ILE B 125 -17.50 26.81 -15.51
C ILE B 125 -16.62 25.67 -15.03
N ALA B 126 -15.70 25.21 -15.89
CA ALA B 126 -14.84 24.11 -15.49
C ALA B 126 -13.62 24.07 -16.41
N THR B 127 -12.70 23.15 -16.12
CA THR B 127 -11.54 22.95 -16.97
C THR B 127 -11.96 22.28 -18.28
N PRO B 128 -11.13 22.40 -19.32
CA PRO B 128 -11.55 21.89 -20.65
C PRO B 128 -12.01 20.44 -20.63
N TYR B 129 -11.22 19.53 -20.04
CA TYR B 129 -11.64 18.14 -19.96
C TYR B 129 -12.97 18.02 -19.22
N THR B 130 -13.12 18.76 -18.12
CA THR B 130 -14.35 18.65 -17.34
C THR B 130 -15.55 19.14 -18.14
N THR B 131 -15.36 20.21 -18.93
CA THR B 131 -16.46 20.70 -19.75
C THR B 131 -16.84 19.71 -20.82
N ALA B 132 -15.85 19.02 -21.41
CA ALA B 132 -16.17 17.97 -22.36
C ALA B 132 -17.02 16.88 -21.72
N LEU B 133 -16.66 16.46 -20.49
CA LEU B 133 -17.44 15.40 -19.85
C LEU B 133 -18.81 15.90 -19.43
N ILE B 134 -18.92 17.17 -19.02
CA ILE B 134 -20.22 17.73 -18.67
C ILE B 134 -21.11 17.77 -19.90
N LYS B 135 -20.53 18.14 -21.05
CA LYS B 135 -21.31 18.13 -22.29
C LYS B 135 -21.77 16.74 -22.63
N HIS B 136 -20.91 15.73 -22.44
CA HIS B 136 -21.38 14.38 -22.73
C HIS B 136 -22.49 13.96 -21.78
N GLN B 137 -22.38 14.32 -20.51
CA GLN B 137 -23.44 13.96 -19.57
C GLN B 137 -24.76 14.62 -19.94
N ILE B 138 -24.70 15.86 -20.44
CA ILE B 138 -25.93 16.56 -20.77
C ILE B 138 -26.56 15.99 -22.04
N ASP B 139 -25.73 15.55 -22.98
CA ASP B 139 -26.24 14.93 -24.19
C ASP B 139 -26.89 13.57 -23.93
N SER B 140 -26.51 12.88 -22.84
CA SER B 140 -27.18 11.62 -22.49
C SER B 140 -28.48 11.85 -21.75
N GLU B 141 -28.68 13.04 -21.22
CA GLU B 141 -29.92 13.39 -20.54
C GLU B 141 -31.00 13.70 -21.57
N ARG B 142 -32.24 13.29 -21.28
CA ARG B 142 -33.33 13.81 -22.09
C ARG B 142 -34.64 13.79 -21.35
N LYS B 143 -34.63 14.01 -20.03
CA LYS B 143 -35.90 14.58 -19.65
C LYS B 143 -35.82 16.10 -19.50
N PHE B 144 -34.76 16.63 -18.95
CA PHE B 144 -34.68 18.07 -18.84
C PHE B 144 -33.85 18.58 -19.99
N GLY B 145 -34.30 19.68 -20.57
CA GLY B 145 -33.54 20.33 -21.62
C GLY B 145 -32.54 21.27 -21.00
N VAL B 146 -31.27 20.87 -21.04
CA VAL B 146 -30.18 21.62 -20.44
C VAL B 146 -29.19 21.98 -21.54
N LYS B 147 -28.89 23.27 -21.66
CA LYS B 147 -27.50 23.68 -21.83
C LYS B 147 -27.46 25.16 -21.46
N ASN B 148 -27.17 25.39 -20.20
CA ASN B 148 -26.46 26.54 -19.71
C ASN B 148 -25.24 26.81 -20.58
N ASN B 149 -24.81 28.05 -20.64
CA ASN B 149 -23.48 28.34 -21.17
C ASN B 149 -22.45 27.48 -20.43
N ILE B 150 -21.56 26.82 -21.18
CA ILE B 150 -20.48 26.05 -20.60
C ILE B 150 -19.17 26.73 -20.97
N VAL B 151 -18.40 27.12 -19.96
CA VAL B 151 -17.20 27.94 -20.11
C VAL B 151 -15.99 27.15 -19.61
N ALA B 152 -14.99 27.01 -20.48
CA ALA B 152 -13.74 26.35 -20.13
C ALA B 152 -12.81 27.38 -19.53
N LEU B 153 -12.33 27.12 -18.33
CA LEU B 153 -11.38 27.96 -17.64
C LEU B 153 -10.25 27.05 -17.18
N LYS B 154 -9.01 27.41 -17.52
CA LYS B 154 -7.89 26.55 -17.20
C LYS B 154 -7.32 26.85 -15.83
N ALA B 155 -6.57 25.88 -15.29
CA ALA B 155 -5.85 26.10 -14.06
C ALA B 155 -4.92 27.30 -14.22
N GLY B 156 -4.84 28.14 -13.20
CA GLY B 156 -4.02 29.32 -13.27
C GLY B 156 -4.69 30.52 -13.89
N GLU B 157 -5.94 30.41 -14.35
CA GLU B 157 -6.64 31.57 -14.88
C GLU B 157 -7.80 32.00 -13.97
N THR B 158 -8.19 33.24 -14.17
CA THR B 158 -9.23 33.90 -13.39
C THR B 158 -10.34 34.34 -14.33
N LEU B 159 -11.55 34.42 -13.79
CA LEU B 159 -12.69 34.94 -14.52
C LEU B 159 -13.56 35.76 -13.58
N GLU B 160 -13.83 37.00 -13.98
CA GLU B 160 -14.60 37.90 -13.14
C GLU B 160 -16.09 37.68 -13.39
N ILE B 161 -16.80 37.27 -12.34
CA ILE B 161 -18.23 36.99 -12.45
C ILE B 161 -19.05 38.20 -12.10
N THR B 162 -18.58 38.93 -11.12
CA THR B 162 -19.22 40.11 -10.59
C THR B 162 -18.08 41.10 -10.34
N LYS B 163 -18.40 42.38 -10.31
CA LYS B 163 -17.35 43.34 -10.01
C LYS B 163 -16.72 43.11 -8.64
N ASP B 164 -17.43 42.41 -7.75
CA ASP B 164 -16.91 42.08 -6.44
C ASP B 164 -16.46 40.63 -6.30
N ILE B 165 -16.69 39.78 -7.30
CA ILE B 165 -16.40 38.36 -7.21
C ILE B 165 -15.58 37.95 -8.43
N THR B 166 -14.42 37.35 -8.18
CA THR B 166 -13.71 36.70 -9.26
C THR B 166 -13.44 35.25 -8.88
N ILE B 167 -13.33 34.39 -9.88
CA ILE B 167 -13.12 32.97 -9.71
C ILE B 167 -11.74 32.63 -10.23
N GLU B 168 -10.96 31.92 -9.44
CA GLU B 168 -9.60 31.52 -9.79
C GLU B 168 -9.49 30.01 -9.68
N PHE B 169 -8.94 29.40 -10.71
CA PHE B 169 -8.63 27.98 -10.72
C PHE B 169 -7.16 27.79 -10.35
N ILE B 170 -6.89 26.95 -9.37
CA ILE B 170 -5.54 26.60 -8.96
C ILE B 170 -5.31 25.13 -9.29
N ASN B 171 -4.19 24.84 -9.94
CA ASN B 171 -3.93 23.47 -10.32
C ASN B 171 -3.77 22.59 -9.08
N THR B 172 -4.39 21.43 -9.09
CA THR B 172 -4.09 20.42 -8.10
C THR B 172 -4.05 19.07 -8.80
N GLN B 173 -3.82 18.02 -8.02
CA GLN B 173 -3.76 16.67 -8.53
C GLN B 173 -4.91 15.84 -7.97
N HIS B 174 -5.31 14.83 -8.71
CA HIS B 174 -6.40 13.95 -8.32
C HIS B 174 -6.37 12.78 -9.29
N SER B 175 -7.27 11.84 -9.07
CA SER B 175 -7.38 10.63 -9.87
C SER B 175 -8.01 10.86 -11.23
N ILE B 176 -8.39 12.09 -11.55
CA ILE B 176 -8.77 12.47 -12.90
C ILE B 176 -8.03 13.75 -13.24
N ILE B 177 -7.66 13.89 -14.51
CA ILE B 177 -6.88 15.04 -14.97
C ILE B 177 -7.72 16.31 -14.88
N ASP B 178 -7.00 17.45 -14.81
CA ASP B 178 -7.61 18.78 -14.85
C ASP B 178 -8.54 19.02 -13.68
N THR B 179 -8.13 18.62 -12.49
CA THR B 179 -8.81 18.97 -11.27
C THR B 179 -8.22 20.28 -10.75
N VAL B 180 -9.06 21.11 -10.15
CA VAL B 180 -8.60 22.40 -9.64
C VAL B 180 -9.14 22.63 -8.25
N PHE B 181 -8.37 23.40 -7.45
CA PHE B 181 -8.93 24.18 -6.37
C PHE B 181 -9.63 25.40 -6.95
N VAL B 182 -10.65 25.87 -6.23
CA VAL B 182 -11.38 27.07 -6.64
C VAL B 182 -11.19 28.11 -5.56
N ALA B 183 -10.76 29.30 -5.96
CA ALA B 183 -10.68 30.42 -5.04
C ALA B 183 -11.66 31.49 -5.51
N ILE B 184 -12.63 31.79 -4.68
CA ILE B 184 -13.58 32.86 -4.94
C ILE B 184 -13.07 34.08 -4.19
N HIS B 185 -12.67 35.12 -4.94
CA HIS B 185 -12.14 36.35 -4.37
C HIS B 185 -13.28 37.37 -4.20
N THR B 186 -13.35 37.94 -3.00
CA THR B 186 -14.35 38.86 -2.50
C THR B 186 -13.66 40.10 -1.94
N PRO B 187 -14.38 41.23 -1.79
CA PRO B 187 -13.75 42.42 -1.19
C PRO B 187 -13.03 42.14 0.13
N SER B 188 -13.43 41.13 0.90
CA SER B 188 -12.83 40.85 2.19
C SER B 188 -11.88 39.65 2.15
N GLY B 189 -11.56 39.12 0.98
CA GLY B 189 -10.64 38.00 0.94
C GLY B 189 -11.22 36.83 0.19
N ALA B 190 -10.53 35.70 0.28
CA ALA B 190 -10.75 34.57 -0.61
C ALA B 190 -11.42 33.42 0.14
N VAL B 191 -12.41 32.81 -0.50
CA VAL B 191 -12.98 31.55 -0.04
C VAL B 191 -12.41 30.47 -0.94
N VAL B 192 -11.80 29.45 -0.35
CA VAL B 192 -11.13 28.41 -1.13
C VAL B 192 -11.91 27.11 -0.97
N TYR B 193 -12.06 26.39 -2.07
CA TYR B 193 -12.76 25.12 -2.13
C TYR B 193 -11.77 24.10 -2.67
N ALA B 194 -11.54 23.04 -1.87
CA ALA B 194 -10.52 22.05 -2.15
C ALA B 194 -11.15 20.67 -1.92
N CYS B 195 -12.05 20.27 -2.80
CA CYS B 195 -12.71 18.97 -2.70
C CYS B 195 -12.38 18.10 -3.89
N ASP B 196 -11.95 16.88 -3.57
CA ASP B 196 -11.21 15.93 -4.37
C ASP B 196 -9.91 16.55 -4.83
N PHE B 197 -8.88 16.35 -4.03
CA PHE B 197 -7.55 16.78 -4.37
C PHE B 197 -6.59 15.83 -3.69
N LYS B 198 -5.35 15.90 -4.16
CA LYS B 198 -4.27 15.09 -3.68
C LYS B 198 -3.01 15.90 -3.97
N PHE B 199 -2.14 16.05 -2.98
CA PHE B 199 -0.79 16.54 -3.26
C PHE B 199 0.00 15.40 -3.88
N ASP B 200 0.63 15.67 -5.00
CA ASP B 200 1.43 14.67 -5.69
C ASP B 200 2.58 15.42 -6.32
N ARG B 201 3.79 15.16 -5.82
CA ARG B 201 4.99 15.85 -6.27
C ARG B 201 5.65 15.15 -7.44
N THR B 202 5.18 13.95 -7.77
CA THR B 202 5.65 13.22 -8.93
C THR B 202 4.44 12.66 -9.68
N PRO B 203 3.56 13.54 -10.16
CA PRO B 203 2.41 13.04 -10.92
C PRO B 203 2.90 12.51 -12.24
N THR B 204 2.19 11.52 -12.77
CA THR B 204 2.61 11.02 -14.07
C THR B 204 1.98 11.77 -15.21
N LEU B 205 1.01 12.65 -14.92
CA LEU B 205 0.39 13.51 -15.91
C LEU B 205 0.03 14.82 -15.26
N GLY B 206 0.10 15.90 -16.02
CA GLY B 206 -0.20 17.21 -15.48
C GLY B 206 0.96 17.71 -14.65
N GLU B 207 0.72 18.75 -13.88
CA GLU B 207 1.77 19.38 -13.11
C GLU B 207 1.56 19.22 -11.61
N VAL B 208 2.61 19.53 -10.85
CA VAL B 208 2.55 19.44 -9.39
C VAL B 208 1.62 20.54 -8.89
N PRO B 209 0.84 20.30 -7.83
CA PRO B 209 -0.02 21.38 -7.30
C PRO B 209 0.75 22.67 -7.06
N ASP B 210 0.02 23.77 -7.15
CA ASP B 210 0.62 25.08 -7.16
C ASP B 210 0.81 25.55 -5.70
N PHE B 211 1.80 24.93 -5.06
CA PHE B 211 2.07 25.22 -3.66
C PHE B 211 2.42 26.69 -3.47
N ASP B 212 3.21 27.27 -4.38
CA ASP B 212 3.57 28.67 -4.23
C ASP B 212 2.34 29.54 -4.16
N ARG B 213 1.37 29.25 -5.02
CA ARG B 213 0.18 30.08 -5.05
C ARG B 213 -0.71 29.81 -3.85
N LEU B 214 -0.70 28.57 -3.35
CA LEU B 214 -1.38 28.32 -2.09
C LEU B 214 -0.79 29.20 -0.99
N LYS B 215 0.54 29.31 -0.96
CA LYS B 215 1.17 30.18 0.04
C LYS B 215 0.79 31.64 -0.15
N GLU B 216 0.80 32.15 -1.40
CA GLU B 216 0.47 33.55 -1.54
C GLU B 216 -0.97 33.82 -1.16
N LEU B 217 -1.89 32.90 -1.47
CA LEU B 217 -3.27 33.07 -1.04
C LEU B 217 -3.39 33.05 0.47
N GLY B 218 -2.59 32.20 1.12
CA GLY B 218 -2.53 32.20 2.55
C GLY B 218 -2.13 33.56 3.12
N LYS B 219 -1.14 34.20 2.52
CA LYS B 219 -0.70 35.47 3.07
C LYS B 219 -1.59 36.63 2.64
N GLU B 220 -2.28 36.52 1.50
CA GLU B 220 -3.24 37.56 1.09
C GLU B 220 -4.53 37.52 1.86
N GLY B 221 -4.95 36.34 2.35
CA GLY B 221 -6.12 36.25 3.21
C GLY B 221 -7.18 35.28 2.74
N VAL B 222 -7.37 34.19 3.47
CA VAL B 222 -8.44 33.25 3.19
C VAL B 222 -9.46 33.36 4.31
N ILE B 223 -10.68 33.75 3.96
CA ILE B 223 -11.76 33.79 4.93
C ILE B 223 -12.17 32.38 5.34
N ALA B 224 -12.17 31.45 4.38
CA ALA B 224 -12.80 30.16 4.61
C ALA B 224 -12.22 29.12 3.67
N LEU B 225 -11.88 27.96 4.21
CA LEU B 225 -11.49 26.79 3.45
C LEU B 225 -12.60 25.75 3.55
N ILE B 226 -13.08 25.28 2.40
CA ILE B 226 -13.96 24.13 2.32
C ILE B 226 -13.17 22.99 1.71
N THR B 227 -13.05 21.88 2.42
CA THR B 227 -12.16 20.84 1.94
C THR B 227 -12.71 19.47 2.31
N GLU B 228 -12.39 18.49 1.48
CA GLU B 228 -12.88 17.14 1.69
C GLU B 228 -12.26 16.53 2.95
N SER B 229 -13.05 15.72 3.64
CA SER B 229 -12.55 15.01 4.81
C SER B 229 -12.38 13.51 4.53
N THR B 230 -12.47 13.12 3.25
CA THR B 230 -12.65 11.73 2.86
C THR B 230 -11.60 10.81 3.45
N ASN B 231 -10.32 11.21 3.35
CA ASN B 231 -9.23 10.42 3.90
C ASN B 231 -8.51 11.15 5.02
N ALA B 232 -9.20 12.09 5.67
CA ALA B 232 -8.57 12.81 6.77
C ALA B 232 -8.17 11.89 7.91
N GLY B 233 -8.79 10.72 7.99
CA GLY B 233 -8.46 9.72 8.99
C GLY B 233 -7.35 8.75 8.63
N ARG B 234 -6.81 8.79 7.41
CA ARG B 234 -5.66 7.94 7.08
C ARG B 234 -4.38 8.68 7.46
N ASN B 235 -3.53 8.04 8.25
CA ASN B 235 -2.35 8.73 8.73
C ASN B 235 -1.35 8.97 7.58
N GLY B 236 -0.48 9.96 7.78
CA GLY B 236 0.57 10.21 6.84
C GLY B 236 0.12 11.02 5.64
N LYS B 237 0.75 10.74 4.50
CA LYS B 237 0.46 11.45 3.26
C LYS B 237 0.10 10.46 2.16
N THR B 238 -0.72 10.91 1.23
CA THR B 238 -1.14 10.04 0.15
C THR B 238 0.06 9.63 -0.69
N PRO B 239 0.22 8.35 -0.98
CA PRO B 239 1.26 7.94 -1.93
C PRO B 239 1.04 8.56 -3.31
N SER B 240 2.16 8.87 -3.96
CA SER B 240 2.09 9.46 -5.29
C SER B 240 1.48 8.49 -6.29
N GLU B 241 0.93 9.05 -7.36
CA GLU B 241 0.49 8.21 -8.47
C GLU B 241 1.66 7.48 -9.10
N LEU B 242 2.88 7.97 -8.87
CA LEU B 242 4.05 7.28 -9.36
C LEU B 242 4.17 5.91 -8.71
N ILE B 243 3.68 5.77 -7.47
CA ILE B 243 3.71 4.47 -6.81
C ILE B 243 2.80 3.49 -7.53
N ALA B 244 1.60 3.94 -7.93
CA ALA B 244 0.71 3.10 -8.72
C ALA B 244 1.34 2.73 -10.05
N HIS B 245 2.00 3.70 -10.66
CA HIS B 245 2.63 3.47 -11.95
C HIS B 245 3.71 2.41 -11.84
N MET B 246 4.53 2.47 -10.79
CA MET B 246 5.63 1.53 -10.62
C MET B 246 5.14 0.16 -10.18
N MET B 247 4.11 0.10 -9.34
CA MET B 247 3.56 -1.20 -8.99
C MET B 247 2.94 -1.87 -10.20
N LEU B 248 2.22 -1.10 -11.01
CA LEU B 248 1.65 -1.62 -12.24
C LEU B 248 2.75 -2.11 -13.17
N LYS B 249 3.81 -1.32 -13.32
CA LYS B 249 4.89 -1.73 -14.21
C LYS B 249 5.50 -3.05 -13.74
N ASP B 250 5.62 -3.25 -12.44
CA ASP B 250 6.23 -4.49 -11.95
C ASP B 250 5.29 -5.67 -12.04
N VAL B 251 4.00 -5.45 -11.87
CA VAL B 251 3.03 -6.52 -12.12
C VAL B 251 3.06 -6.96 -13.57
N LEU B 252 3.16 -6.01 -14.50
CA LEU B 252 3.03 -6.34 -15.91
C LEU B 252 4.34 -6.86 -16.51
N LEU B 253 5.48 -6.34 -16.08
CA LEU B 253 6.77 -6.70 -16.66
C LEU B 253 7.59 -7.62 -15.80
N GLY B 254 7.48 -7.50 -14.47
CA GLY B 254 8.30 -8.30 -13.57
C GLY B 254 7.67 -9.66 -13.34
N THR B 255 7.80 -10.55 -14.32
CA THR B 255 7.16 -11.85 -14.25
C THR B 255 7.97 -12.83 -15.11
N GLU B 256 7.98 -14.09 -14.67
CA GLU B 256 8.57 -15.16 -15.48
C GLU B 256 7.55 -15.80 -16.40
N GLU B 257 6.30 -15.33 -16.36
CA GLU B 257 5.19 -15.89 -17.12
C GLU B 257 4.67 -14.85 -18.10
N SER B 258 5.54 -14.38 -18.99
CA SER B 258 5.21 -13.22 -19.81
C SER B 258 4.32 -13.53 -21.00
N ALA B 259 4.30 -14.78 -21.47
CA ALA B 259 3.45 -15.18 -22.58
C ALA B 259 2.04 -15.56 -22.17
N VAL B 260 1.63 -15.24 -20.95
CA VAL B 260 0.32 -15.67 -20.49
C VAL B 260 -0.69 -14.57 -20.81
N GLY B 261 -1.96 -14.92 -20.79
CA GLY B 261 -3.00 -13.92 -20.98
C GLY B 261 -3.04 -12.92 -19.83
N MET B 262 -3.18 -11.65 -20.17
CA MET B 262 -3.24 -10.55 -19.21
C MET B 262 -4.29 -9.56 -19.66
N ILE B 263 -5.09 -9.12 -18.70
CA ILE B 263 -6.10 -8.10 -18.92
C ILE B 263 -5.93 -7.08 -17.81
N VAL B 264 -5.98 -5.79 -18.17
CA VAL B 264 -5.97 -4.72 -17.18
C VAL B 264 -7.32 -4.02 -17.23
N THR B 265 -7.86 -3.71 -16.06
CA THR B 265 -9.07 -2.91 -15.96
C THR B 265 -8.86 -1.80 -14.94
N THR B 266 -9.36 -0.61 -15.26
CA THR B 266 -9.20 0.54 -14.39
C THR B 266 -10.30 1.53 -14.72
N PHE B 267 -10.39 2.59 -13.90
CA PHE B 267 -11.33 3.65 -14.18
C PHE B 267 -11.02 4.23 -15.56
N ALA B 268 -12.03 4.33 -16.42
CA ALA B 268 -11.80 4.85 -17.75
C ALA B 268 -11.40 6.34 -17.71
N ALA B 269 -11.81 7.07 -16.68
CA ALA B 269 -11.48 8.48 -16.53
C ALA B 269 -10.12 8.70 -15.87
N HIS B 270 -9.49 7.65 -15.35
CA HIS B 270 -8.15 7.80 -14.76
C HIS B 270 -7.13 7.80 -15.90
N ILE B 271 -7.01 8.97 -16.55
CA ILE B 271 -6.20 9.08 -17.76
C ILE B 271 -4.72 8.84 -17.47
N ALA B 272 -4.23 9.23 -16.29
CA ALA B 272 -2.83 8.95 -15.95
C ALA B 272 -2.57 7.45 -15.88
N ARG B 273 -3.45 6.69 -15.22
CA ARG B 273 -3.29 5.24 -15.12
C ARG B 273 -3.33 4.57 -16.50
N VAL B 274 -4.35 4.91 -17.29
CA VAL B 274 -4.46 4.37 -18.64
C VAL B 274 -3.22 4.68 -19.46
N ASN B 275 -2.74 5.92 -19.36
CA ASN B 275 -1.53 6.32 -20.07
C ASN B 275 -0.35 5.41 -19.69
N SER B 276 -0.13 5.21 -18.38
CA SER B 276 0.90 4.28 -17.92
C SER B 276 0.74 2.90 -18.53
N ILE B 277 -0.49 2.35 -18.49
CA ILE B 277 -0.75 0.99 -18.99
C ILE B 277 -0.40 0.88 -20.46
N VAL B 278 -0.78 1.89 -21.24
CA VAL B 278 -0.53 1.87 -22.69
C VAL B 278 0.97 1.88 -22.98
N GLN B 279 1.71 2.76 -22.29
CA GLN B 279 3.16 2.79 -22.43
C GLN B 279 3.80 1.45 -22.07
N PHE B 280 3.37 0.87 -20.94
CA PHE B 280 3.89 -0.45 -20.56
C PHE B 280 3.61 -1.46 -21.66
N ALA B 281 2.43 -1.37 -22.28
CA ALA B 281 2.09 -2.27 -23.38
C ALA B 281 3.15 -2.22 -24.46
N GLN B 282 3.59 -1.01 -24.80
CA GLN B 282 4.68 -0.90 -25.76
C GLN B 282 5.93 -1.61 -25.24
N GLU B 283 6.24 -1.46 -23.95
CA GLU B 283 7.45 -2.10 -23.44
C GLU B 283 7.31 -3.63 -23.37
N MET B 284 6.11 -4.17 -23.20
CA MET B 284 5.95 -5.62 -23.17
C MET B 284 5.92 -6.24 -24.57
N GLY B 285 6.06 -5.45 -25.63
CA GLY B 285 5.86 -5.99 -26.97
C GLY B 285 4.46 -6.48 -27.24
N ARG B 286 3.45 -5.94 -26.56
CA ARG B 286 2.05 -6.26 -26.80
C ARG B 286 1.34 -5.06 -27.41
N ILE B 287 0.22 -5.32 -28.07
CA ILE B 287 -0.58 -4.25 -28.70
C ILE B 287 -1.62 -3.79 -27.69
N PRO B 288 -1.65 -2.51 -27.34
CA PRO B 288 -2.66 -2.02 -26.37
C PRO B 288 -4.01 -1.89 -27.06
N VAL B 289 -5.02 -2.54 -26.50
CA VAL B 289 -6.37 -2.53 -27.04
C VAL B 289 -7.33 -2.07 -25.95
N LEU B 290 -7.84 -0.85 -26.08
CA LEU B 290 -8.81 -0.30 -25.14
C LEU B 290 -10.21 -0.73 -25.57
N LEU B 291 -10.97 -1.29 -24.63
CA LEU B 291 -12.27 -1.88 -24.92
C LEU B 291 -13.31 -1.30 -23.98
N GLY B 292 -14.45 -0.93 -24.54
CA GLY B 292 -15.54 -0.38 -23.75
C GLY B 292 -15.89 1.02 -24.19
N ARG B 293 -17.20 1.29 -24.26
CA ARG B 293 -17.67 2.61 -24.67
C ARG B 293 -17.04 3.71 -23.83
N SER B 294 -17.05 3.54 -22.52
CA SER B 294 -16.50 4.55 -21.62
C SER B 294 -15.00 4.73 -21.84
N MET B 295 -14.30 3.64 -22.12
CA MET B 295 -12.86 3.73 -22.37
C MET B 295 -12.59 4.59 -23.61
N GLU B 296 -13.33 4.31 -24.68
CA GLU B 296 -13.16 5.05 -25.92
C GLU B 296 -13.57 6.51 -25.76
N ARG B 297 -14.61 6.77 -24.97
CA ARG B 297 -15.06 8.15 -24.81
C ARG B 297 -14.08 8.97 -23.98
N TYR B 298 -13.76 8.50 -22.77
CA TYR B 298 -12.88 9.26 -21.88
C TYR B 298 -11.48 9.40 -22.46
N VAL B 299 -10.90 8.27 -22.92
CA VAL B 299 -9.54 8.32 -23.41
C VAL B 299 -9.48 9.05 -24.75
N GLY B 300 -10.46 8.80 -25.62
CA GLY B 300 -10.49 9.53 -26.87
C GLY B 300 -10.59 11.03 -26.65
N THR B 301 -11.47 11.44 -25.73
CA THR B 301 -11.60 12.87 -25.43
C THR B 301 -10.30 13.45 -24.91
N ALA B 302 -9.65 12.74 -23.99
CA ALA B 302 -8.38 13.21 -23.47
C ALA B 302 -7.36 13.35 -24.60
N TYR B 303 -7.37 12.42 -25.54
CA TYR B 303 -6.42 12.47 -26.64
C TYR B 303 -6.70 13.64 -27.57
N GLN B 304 -7.98 13.88 -27.90
CA GLN B 304 -8.31 14.98 -28.81
C GLN B 304 -7.96 16.33 -28.21
N LEU B 305 -7.96 16.43 -26.88
CA LEU B 305 -7.60 17.69 -26.22
C LEU B 305 -6.11 17.79 -25.91
N GLY B 306 -5.31 16.83 -26.38
CA GLY B 306 -3.87 16.89 -26.18
C GLY B 306 -3.41 16.51 -24.80
N TYR B 307 -4.24 15.84 -24.00
CA TYR B 307 -3.84 15.50 -22.63
C TYR B 307 -2.95 14.28 -22.57
N ILE B 308 -3.04 13.39 -23.54
CA ILE B 308 -2.15 12.23 -23.65
C ILE B 308 -1.76 12.07 -25.11
N ASP B 309 -0.62 11.43 -25.32
CA ASP B 309 -0.30 10.87 -26.62
C ASP B 309 -0.62 9.39 -26.59
N LEU B 310 -0.84 8.82 -27.77
CA LEU B 310 -1.14 7.42 -27.91
C LEU B 310 -0.23 6.81 -28.97
N PRO B 311 0.24 5.59 -28.77
CA PRO B 311 1.09 4.97 -29.77
C PRO B 311 0.30 4.68 -31.04
N GLU B 312 1.02 4.58 -32.14
CA GLU B 312 0.37 4.42 -33.43
C GLU B 312 -0.37 3.10 -33.51
N ASN B 313 0.04 2.09 -32.75
CA ASN B 313 -0.55 0.77 -32.86
C ASN B 313 -1.70 0.54 -31.90
N VAL B 314 -2.09 1.55 -31.12
CA VAL B 314 -3.20 1.40 -30.19
C VAL B 314 -4.47 1.05 -30.97
N GLU B 315 -5.33 0.25 -30.35
CA GLU B 315 -6.64 0.00 -30.91
C GLU B 315 -7.68 0.31 -29.86
N ILE B 316 -8.81 0.85 -30.30
CA ILE B 316 -9.82 1.41 -29.41
C ILE B 316 -11.19 1.03 -29.95
N TYR B 317 -11.99 0.33 -29.16
CA TYR B 317 -13.31 -0.09 -29.60
C TYR B 317 -14.34 0.18 -28.53
N GLY B 318 -15.44 0.82 -28.91
CA GLY B 318 -16.50 1.13 -27.96
C GLY B 318 -17.81 0.42 -28.24
N SER B 319 -17.99 -0.07 -29.46
CA SER B 319 -19.22 -0.73 -29.84
C SER B 319 -19.12 -2.22 -29.61
N ARG B 320 -20.26 -2.85 -29.33
CA ARG B 320 -20.23 -4.25 -28.89
C ARG B 320 -19.68 -5.16 -29.97
N ARG B 321 -20.04 -4.90 -31.20
CA ARG B 321 -19.62 -5.76 -32.28
C ARG B 321 -18.11 -5.65 -32.54
N ASP B 322 -17.55 -4.44 -32.49
CA ASP B 322 -16.10 -4.33 -32.64
C ASP B 322 -15.37 -4.82 -31.41
N ILE B 323 -15.99 -4.72 -30.24
CA ILE B 323 -15.35 -5.24 -29.04
C ILE B 323 -15.25 -6.76 -29.14
N ASP B 324 -16.35 -7.41 -29.49
CA ASP B 324 -16.37 -8.85 -29.63
C ASP B 324 -15.49 -9.32 -30.78
N ASN B 325 -15.49 -8.57 -31.88
CA ASN B 325 -14.57 -8.86 -32.99
C ASN B 325 -13.13 -8.76 -32.54
N ALA B 326 -12.80 -7.71 -31.78
CA ALA B 326 -11.45 -7.54 -31.30
C ALA B 326 -11.06 -8.67 -30.36
N LEU B 327 -12.00 -9.14 -29.55
CA LEU B 327 -11.68 -10.21 -28.63
C LEU B 327 -11.48 -11.52 -29.36
N LYS B 328 -12.27 -11.76 -30.41
CA LYS B 328 -12.06 -12.97 -31.20
C LYS B 328 -10.71 -12.93 -31.91
N LYS B 329 -10.36 -11.77 -32.47
CA LYS B 329 -9.04 -11.58 -33.06
C LYS B 329 -7.93 -11.83 -32.04
N ILE B 330 -8.10 -11.28 -30.83
CA ILE B 330 -7.13 -11.52 -29.76
C ILE B 330 -6.99 -13.01 -29.50
N MET B 331 -8.11 -13.74 -29.49
CA MET B 331 -8.08 -15.14 -29.09
C MET B 331 -7.40 -15.99 -30.15
N GLU B 332 -7.63 -15.69 -31.42
CA GLU B 332 -7.06 -16.50 -32.48
C GLU B 332 -5.66 -16.07 -32.90
N ALA B 333 -5.19 -14.91 -32.42
CA ALA B 333 -3.81 -14.51 -32.66
C ALA B 333 -2.91 -14.84 -31.48
N GLY B 334 -3.47 -15.06 -30.30
CA GLY B 334 -2.69 -15.36 -29.12
C GLY B 334 -2.77 -14.23 -28.12
N LYS B 335 -3.29 -14.51 -26.93
CA LYS B 335 -3.46 -13.46 -25.94
C LYS B 335 -2.13 -12.88 -25.51
N ASP B 336 -1.02 -13.59 -25.75
CA ASP B 336 0.31 -13.08 -25.43
C ASP B 336 0.71 -11.88 -26.29
N LYS B 337 -0.05 -11.57 -27.34
CA LYS B 337 0.29 -10.50 -28.26
C LYS B 337 -0.46 -9.21 -27.97
N TYR B 338 -1.42 -9.22 -27.06
CA TYR B 338 -2.23 -8.05 -26.79
C TYR B 338 -2.28 -7.76 -25.31
N LEU B 339 -2.51 -6.48 -25.00
CA LEU B 339 -2.83 -6.02 -23.65
C LEU B 339 -4.20 -5.34 -23.74
N PRO B 340 -5.28 -6.09 -23.49
CA PRO B 340 -6.60 -5.45 -23.35
C PRO B 340 -6.67 -4.61 -22.09
N VAL B 341 -7.14 -3.37 -22.27
CA VAL B 341 -7.42 -2.43 -21.19
C VAL B 341 -8.89 -2.12 -21.29
N MET B 342 -9.67 -2.51 -20.29
CA MET B 342 -11.11 -2.57 -20.51
C MET B 342 -11.87 -2.10 -19.28
N THR B 343 -13.14 -1.76 -19.52
CA THR B 343 -14.08 -1.42 -18.47
C THR B 343 -14.49 -2.65 -17.66
N GLY B 344 -15.00 -2.41 -16.47
CA GLY B 344 -15.59 -3.48 -15.69
C GLY B 344 -14.94 -3.75 -14.34
N HIS B 345 -14.10 -2.83 -13.88
CA HIS B 345 -13.34 -3.08 -12.66
C HIS B 345 -14.23 -3.17 -11.43
N GLN B 346 -15.45 -2.62 -11.44
CA GLN B 346 -16.36 -2.77 -10.31
C GLN B 346 -17.45 -3.81 -10.58
N GLY B 347 -17.23 -4.69 -11.54
CA GLY B 347 -18.23 -5.68 -11.87
C GLY B 347 -19.51 -5.11 -12.41
N GLU B 348 -19.45 -3.90 -12.98
CA GLU B 348 -20.66 -3.30 -13.52
C GLU B 348 -21.25 -4.23 -14.57
N PRO B 349 -22.57 -4.31 -14.67
CA PRO B 349 -23.17 -5.17 -15.69
C PRO B 349 -23.14 -4.46 -17.02
N GLY B 350 -22.88 -5.23 -18.08
CA GLY B 350 -22.69 -4.68 -19.39
C GLY B 350 -21.27 -4.29 -19.73
N ALA B 351 -20.41 -4.12 -18.73
CA ALA B 351 -19.02 -3.75 -19.00
C ALA B 351 -18.26 -4.94 -19.58
N VAL B 352 -17.13 -4.63 -20.24
CA VAL B 352 -16.44 -5.64 -21.03
C VAL B 352 -16.02 -6.81 -20.16
N LEU B 353 -15.41 -6.54 -19.01
CA LEU B 353 -14.86 -7.62 -18.20
C LEU B 353 -15.97 -8.48 -17.60
N GLY B 354 -17.13 -7.89 -17.31
CA GLY B 354 -18.26 -8.69 -16.86
C GLY B 354 -18.84 -9.55 -17.96
N ARG B 355 -18.87 -9.04 -19.19
CA ARG B 355 -19.35 -9.88 -20.28
C ARG B 355 -18.35 -11.01 -20.56
N ILE B 356 -17.05 -10.73 -20.46
CA ILE B 356 -16.08 -11.82 -20.57
C ILE B 356 -16.30 -12.84 -19.46
N ALA B 357 -16.52 -12.38 -18.23
CA ALA B 357 -16.67 -13.30 -17.11
C ALA B 357 -17.92 -14.15 -17.23
N ASN B 358 -18.96 -13.63 -17.87
CA ASN B 358 -20.17 -14.43 -18.07
C ASN B 358 -20.10 -15.33 -19.28
N GLY B 359 -18.98 -15.35 -20.01
CA GLY B 359 -18.89 -16.17 -21.20
C GLY B 359 -19.68 -15.69 -22.39
N GLU B 360 -20.07 -14.41 -22.42
CA GLU B 360 -20.88 -13.86 -23.50
C GLU B 360 -20.04 -13.24 -24.61
N THR B 361 -18.81 -13.69 -24.77
CA THR B 361 -17.76 -13.01 -25.52
C THR B 361 -16.93 -14.09 -26.19
N PRO B 362 -16.30 -13.80 -27.33
CA PRO B 362 -15.39 -14.80 -27.93
C PRO B 362 -14.14 -15.06 -27.11
N PHE B 363 -13.77 -14.16 -26.20
CA PHE B 363 -12.63 -14.34 -25.32
C PHE B 363 -12.97 -15.33 -24.20
N LYS B 364 -12.11 -16.32 -24.02
CA LYS B 364 -12.30 -17.31 -22.96
C LYS B 364 -11.13 -17.24 -21.99
N VAL B 365 -11.44 -16.96 -20.73
CA VAL B 365 -10.43 -16.97 -19.67
C VAL B 365 -9.96 -18.39 -19.42
N GLU B 366 -8.65 -18.57 -19.24
CA GLU B 366 -8.10 -19.89 -18.98
C GLU B 366 -7.17 -19.83 -17.78
N THR B 367 -6.91 -21.02 -17.22
CA THR B 367 -6.07 -21.13 -16.03
C THR B 367 -4.76 -20.39 -16.23
N GLY B 368 -4.43 -19.50 -15.30
CA GLY B 368 -3.20 -18.76 -15.35
C GLY B 368 -3.29 -17.39 -15.98
N ASP B 369 -4.34 -17.10 -16.74
CA ASP B 369 -4.56 -15.74 -17.23
C ASP B 369 -4.63 -14.77 -16.06
N ARG B 370 -4.04 -13.59 -16.23
CA ARG B 370 -3.92 -12.62 -15.16
C ARG B 370 -4.88 -11.48 -15.39
N ILE B 371 -5.72 -11.19 -14.40
CA ILE B 371 -6.64 -10.08 -14.44
C ILE B 371 -6.18 -9.07 -13.41
N ILE B 372 -5.83 -7.88 -13.88
CA ILE B 372 -5.19 -6.87 -13.07
C ILE B 372 -6.20 -5.73 -12.88
N PHE B 373 -6.70 -5.62 -11.65
CA PHE B 373 -7.61 -4.55 -11.24
C PHE B 373 -6.76 -3.39 -10.75
N SER B 374 -6.55 -2.41 -11.62
CA SER B 374 -5.82 -1.22 -11.23
C SER B 374 -6.81 -0.20 -10.64
N ALA B 375 -7.36 -0.58 -9.48
CA ALA B 375 -8.45 0.12 -8.83
C ALA B 375 -8.71 -0.56 -7.50
N ASN B 376 -9.41 0.16 -6.62
CA ASN B 376 -9.94 -0.38 -5.39
C ASN B 376 -11.42 -0.75 -5.54
N VAL B 377 -11.92 -1.54 -4.61
CA VAL B 377 -13.35 -1.83 -4.57
C VAL B 377 -14.04 -0.69 -3.83
N ILE B 378 -15.01 -0.07 -4.48
CA ILE B 378 -15.76 1.01 -3.84
C ILE B 378 -16.45 0.42 -2.60
N PRO B 379 -16.23 1.03 -1.36
CA PRO B 379 -16.71 0.40 -0.12
C PRO B 379 -18.19 0.66 0.12
N ASN B 380 -19.02 0.11 -0.74
CA ASN B 380 -20.46 0.13 -0.52
C ASN B 380 -20.95 -1.28 -0.87
N PRO B 381 -21.94 -1.81 -0.13
CA PRO B 381 -22.34 -3.22 -0.34
C PRO B 381 -22.76 -3.56 -1.76
N MET B 382 -23.37 -2.61 -2.48
CA MET B 382 -23.83 -2.86 -3.85
C MET B 382 -22.65 -3.16 -4.76
N THR B 383 -21.66 -2.28 -4.75
CA THR B 383 -20.49 -2.49 -5.57
C THR B 383 -19.69 -3.68 -5.08
N GLN B 384 -19.63 -3.90 -3.76
CA GLN B 384 -18.90 -5.07 -3.26
C GLN B 384 -19.53 -6.38 -3.74
N ALA B 385 -20.87 -6.41 -3.85
CA ALA B 385 -21.54 -7.58 -4.40
C ALA B 385 -21.21 -7.75 -5.87
N ASN B 386 -21.29 -6.67 -6.66
CA ASN B 386 -20.96 -6.81 -8.08
C ASN B 386 -19.53 -7.31 -8.24
N ARG B 387 -18.60 -6.77 -7.45
CA ARG B 387 -17.22 -7.14 -7.63
C ARG B 387 -16.96 -8.56 -7.12
N TYR B 388 -17.68 -9.00 -6.09
CA TYR B 388 -17.53 -10.38 -5.63
C TYR B 388 -18.02 -11.37 -6.68
N ALA B 389 -19.17 -11.09 -7.29
CA ALA B 389 -19.70 -11.95 -8.35
C ALA B 389 -18.73 -12.02 -9.53
N LEU B 390 -18.23 -10.86 -9.95
CA LEU B 390 -17.30 -10.82 -11.09
C LEU B 390 -16.03 -11.63 -10.78
N GLU B 391 -15.39 -11.33 -9.65
CA GLU B 391 -14.17 -12.02 -9.29
C GLU B 391 -14.40 -13.51 -9.18
N THR B 392 -15.52 -13.91 -8.54
CA THR B 392 -15.80 -15.33 -8.40
C THR B 392 -15.90 -16.00 -9.77
N LYS B 393 -16.63 -15.40 -10.70
CA LYS B 393 -16.75 -15.96 -12.03
C LYS B 393 -15.39 -16.06 -12.71
N LEU B 394 -14.51 -15.07 -12.53
CA LEU B 394 -13.22 -15.15 -13.18
C LEU B 394 -12.31 -16.19 -12.52
N LYS B 395 -12.35 -16.30 -11.20
CA LYS B 395 -11.54 -17.30 -10.54
C LYS B 395 -12.00 -18.70 -10.91
N MET B 396 -13.31 -18.88 -11.14
CA MET B 396 -13.83 -20.18 -11.52
C MET B 396 -13.34 -20.62 -12.90
N LYS B 397 -12.88 -19.69 -13.74
CA LYS B 397 -12.30 -20.06 -15.01
C LYS B 397 -10.77 -20.07 -14.97
N GLY B 398 -10.18 -20.04 -13.79
CA GLY B 398 -8.76 -20.17 -13.65
C GLY B 398 -7.97 -18.89 -13.64
N ALA B 399 -8.62 -17.73 -13.65
CA ALA B 399 -7.89 -16.48 -13.65
C ALA B 399 -7.14 -16.28 -12.34
N ARG B 400 -6.06 -15.51 -12.42
CA ARG B 400 -5.28 -15.12 -11.25
C ARG B 400 -5.52 -13.62 -11.07
N ILE B 401 -5.91 -13.22 -9.86
CA ILE B 401 -6.42 -11.87 -9.62
C ILE B 401 -5.33 -11.02 -8.98
N TYR B 402 -4.98 -9.91 -9.61
CA TYR B 402 -4.10 -8.91 -9.02
C TYR B 402 -4.97 -7.68 -8.75
N ASP B 403 -5.20 -7.41 -7.48
CA ASP B 403 -6.16 -6.43 -7.00
C ASP B 403 -5.45 -5.23 -6.40
N ASN B 404 -6.16 -4.11 -6.37
CA ASN B 404 -5.73 -2.89 -5.68
C ASN B 404 -4.33 -2.45 -6.13
N VAL B 405 -4.04 -2.60 -7.42
CA VAL B 405 -2.78 -2.07 -7.95
C VAL B 405 -3.04 -0.60 -8.24
N HIS B 406 -2.94 0.24 -7.21
CA HIS B 406 -3.70 1.47 -7.16
C HIS B 406 -3.25 2.27 -5.94
N VAL B 407 -3.34 3.61 -6.03
CA VAL B 407 -3.20 4.47 -4.87
C VAL B 407 -4.37 5.43 -4.85
N SER B 408 -4.64 5.97 -3.67
CA SER B 408 -5.79 6.83 -3.49
C SER B 408 -5.66 8.14 -4.26
N GLY B 409 -6.81 8.67 -4.66
CA GLY B 409 -6.84 9.99 -5.24
C GLY B 409 -7.01 11.09 -4.24
N HIS B 410 -7.08 10.79 -2.94
CA HIS B 410 -7.43 11.78 -1.94
C HIS B 410 -6.32 12.03 -0.94
N ALA B 411 -6.29 13.27 -0.46
CA ALA B 411 -5.34 13.73 0.55
C ALA B 411 -5.52 12.96 1.86
N TYR B 412 -4.41 12.60 2.49
CA TYR B 412 -4.46 11.96 3.80
C TYR B 412 -4.34 13.04 4.90
N ARG B 413 -4.23 12.61 6.15
CA ARG B 413 -4.28 13.56 7.26
C ARG B 413 -3.16 14.60 7.19
N GLU B 414 -1.93 14.17 6.88
CA GLU B 414 -0.82 15.12 6.92
C GLU B 414 -0.84 16.04 5.71
N ASP B 415 -1.41 15.60 4.57
CA ASP B 415 -1.64 16.53 3.47
C ASP B 415 -2.61 17.63 3.88
N HIS B 416 -3.67 17.28 4.61
CA HIS B 416 -4.59 18.30 5.12
C HIS B 416 -3.88 19.24 6.10
N TRP B 417 -3.01 18.68 6.94
CA TRP B 417 -2.20 19.49 7.83
C TRP B 417 -1.40 20.54 7.05
N GLU B 418 -0.71 20.11 6.00
CA GLU B 418 0.10 21.05 5.22
C GLU B 418 -0.76 22.04 4.46
N LEU B 419 -1.95 21.62 4.01
CA LEU B 419 -2.79 22.58 3.29
C LEU B 419 -3.31 23.64 4.26
N LEU B 420 -3.64 23.24 5.48
CA LEU B 420 -4.00 24.20 6.51
C LEU B 420 -2.84 25.15 6.80
N ARG B 421 -1.63 24.60 6.90
CA ARG B 421 -0.47 25.45 7.21
C ARG B 421 -0.18 26.42 6.08
N MET B 422 -0.52 26.07 4.83
CA MET B 422 -0.25 26.98 3.72
C MET B 422 -1.36 27.98 3.46
N LEU B 423 -2.62 27.58 3.56
CA LEU B 423 -3.69 28.52 3.25
C LEU B 423 -4.04 29.41 4.43
N LYS B 424 -3.69 28.99 5.64
CA LYS B 424 -3.96 29.72 6.88
C LYS B 424 -5.37 30.32 6.86
N PRO B 425 -6.40 29.54 6.61
CA PRO B 425 -7.75 30.12 6.55
C PRO B 425 -8.22 30.55 7.91
N GLU B 426 -9.05 31.58 7.92
CA GLU B 426 -9.66 32.01 9.17
C GLU B 426 -10.69 30.99 9.66
N HIS B 427 -11.47 30.39 8.76
CA HIS B 427 -12.44 29.35 9.10
C HIS B 427 -12.24 28.13 8.19
N VAL B 428 -12.58 26.96 8.72
CA VAL B 428 -12.40 25.70 8.00
C VAL B 428 -13.71 24.92 8.09
N ILE B 429 -14.12 24.35 6.97
CA ILE B 429 -15.36 23.59 6.85
C ILE B 429 -15.08 22.25 6.16
N PRO B 430 -15.07 21.14 6.88
CA PRO B 430 -15.01 19.84 6.21
C PRO B 430 -16.25 19.60 5.37
N ALA B 431 -16.03 19.05 4.18
CA ALA B 431 -17.11 18.73 3.25
C ALA B 431 -16.80 17.35 2.68
N HIS B 432 -17.67 16.89 1.78
CA HIS B 432 -17.37 15.72 0.96
C HIS B 432 -17.13 14.48 1.85
N GLY B 433 -18.10 14.18 2.71
CA GLY B 433 -18.00 12.98 3.52
C GLY B 433 -19.17 12.86 4.48
N THR B 434 -19.10 11.79 5.29
CA THR B 434 -20.02 11.55 6.40
C THR B 434 -19.59 12.38 7.61
N ILE B 435 -20.46 12.42 8.62
CA ILE B 435 -20.09 13.10 9.86
C ILE B 435 -18.89 12.41 10.52
N GLN B 436 -18.74 11.10 10.30
CA GLN B 436 -17.58 10.40 10.84
C GLN B 436 -16.27 10.88 10.22
N MET B 437 -16.26 11.05 8.88
CA MET B 437 -15.06 11.58 8.23
C MET B 437 -14.76 13.00 8.68
N HIS B 438 -15.80 13.82 8.82
CA HIS B 438 -15.58 15.18 9.34
C HIS B 438 -15.07 15.15 10.78
N SER B 439 -15.42 14.10 11.55
CA SER B 439 -14.89 13.95 12.90
C SER B 439 -13.39 13.78 12.87
N GLU B 440 -12.91 12.92 11.97
CA GLU B 440 -11.46 12.81 11.80
C GLU B 440 -10.84 14.16 11.43
N TYR B 441 -11.44 14.86 10.46
CA TYR B 441 -10.87 16.14 10.04
C TYR B 441 -10.85 17.12 11.19
N ILE B 442 -11.88 17.09 12.03
CA ILE B 442 -12.01 18.03 13.14
C ILE B 442 -10.87 17.83 14.12
N GLN B 443 -10.59 16.57 14.47
CA GLN B 443 -9.47 16.33 15.40
C GLN B 443 -8.16 16.85 14.81
N MET B 444 -7.95 16.63 13.51
CA MET B 444 -6.74 17.19 12.90
C MET B 444 -6.73 18.72 12.93
N ALA B 445 -7.85 19.37 12.59
CA ALA B 445 -7.87 20.83 12.56
C ALA B 445 -7.69 21.41 13.95
N GLU B 446 -8.13 20.71 15.00
CA GLU B 446 -7.87 21.26 16.34
C GLU B 446 -6.42 21.07 16.75
N ASP B 447 -5.75 20.00 16.30
CA ASP B 447 -4.30 19.99 16.53
C ASP B 447 -3.60 21.15 15.84
N ALA B 448 -4.22 21.75 14.83
CA ALA B 448 -3.62 22.86 14.12
C ALA B 448 -4.05 24.22 14.66
N GLY B 449 -4.90 24.26 15.69
CA GLY B 449 -5.25 25.51 16.34
C GLY B 449 -6.68 25.97 16.15
N TYR B 450 -7.51 25.24 15.40
CA TYR B 450 -8.89 25.65 15.16
C TYR B 450 -9.78 25.16 16.31
N SER B 451 -10.93 25.81 16.47
CA SER B 451 -11.86 25.52 17.56
C SER B 451 -13.24 25.31 16.98
N LEU B 452 -13.91 24.24 17.42
CA LEU B 452 -15.16 23.87 16.78
C LEU B 452 -16.24 24.86 17.15
N GLY B 453 -17.01 25.28 16.15
CA GLY B 453 -18.01 26.30 16.35
C GLY B 453 -17.48 27.71 16.44
N ASP B 454 -16.18 27.91 16.26
CA ASP B 454 -15.61 29.25 16.26
C ASP B 454 -14.87 29.51 14.95
N THR B 455 -13.81 28.74 14.66
CA THR B 455 -13.12 28.81 13.39
C THR B 455 -13.17 27.50 12.64
N LEU B 456 -13.85 26.51 13.18
CA LEU B 456 -13.97 25.19 12.58
C LEU B 456 -15.45 24.82 12.65
N HIS B 457 -16.02 24.43 11.50
CA HIS B 457 -17.47 24.34 11.42
C HIS B 457 -17.95 23.03 10.84
N LEU B 458 -18.86 22.39 11.55
CA LEU B 458 -19.42 21.14 11.11
C LEU B 458 -20.82 21.44 10.60
N LEU B 459 -21.02 21.28 9.30
CA LEU B 459 -22.31 21.56 8.68
C LEU B 459 -22.98 20.27 8.25
N ARG B 460 -24.30 20.32 8.27
CA ARG B 460 -25.18 19.26 7.78
C ARG B 460 -25.80 19.74 6.48
N ASN B 461 -26.28 18.80 5.65
CA ASN B 461 -26.94 19.21 4.40
C ASN B 461 -28.07 20.17 4.72
N GLY B 462 -28.15 21.27 3.95
CA GLY B 462 -29.19 22.26 4.12
C GLY B 462 -28.83 23.42 5.02
N GLU B 463 -27.67 23.41 5.63
CA GLU B 463 -27.31 24.41 6.62
C GLU B 463 -26.42 25.48 6.01
N GLU B 464 -26.66 26.74 6.41
CA GLU B 464 -25.87 27.87 5.96
C GLU B 464 -25.05 28.45 7.10
N LEU B 465 -23.73 28.53 6.89
CA LEU B 465 -22.81 29.22 7.79
C LEU B 465 -22.68 30.66 7.34
N TYR B 466 -22.99 31.60 8.22
CA TYR B 466 -22.90 33.02 7.91
C TYR B 466 -21.62 33.57 8.54
N ILE B 467 -20.79 34.23 7.73
CA ILE B 467 -19.54 34.83 8.20
C ILE B 467 -19.60 36.31 7.88
N GLU B 468 -19.56 37.14 8.93
CA GLU B 468 -19.60 38.61 8.76
C GLU B 468 -18.17 39.10 8.86
N GLU B 469 -17.57 39.39 7.70
CA GLU B 469 -16.15 39.72 7.60
C GLU B 469 -15.98 41.24 7.54
N ASP B 470 -15.18 41.77 8.47
CA ASP B 470 -14.81 43.18 8.51
C ASP B 470 -13.43 43.40 7.93
ZN ZN E . 10.65 -15.44 9.46
ZN ZN F . 12.40 -13.10 8.05
S SO4 G . -1.73 -17.94 20.08
O1 SO4 G . -0.99 -19.18 19.81
O2 SO4 G . -1.58 -17.62 21.50
O3 SO4 G . -1.25 -16.80 19.28
O4 SO4 G . -3.15 -18.12 19.77
S SO4 H . 20.98 -30.28 29.03
O1 SO4 H . 20.87 -30.35 30.49
O2 SO4 H . 22.13 -29.46 28.65
O3 SO4 H . 19.74 -29.74 28.51
O4 SO4 H . 21.13 -31.62 28.45
S SO4 I . -8.38 -11.79 -2.35
O1 SO4 I . -8.90 -10.45 -2.02
O2 SO4 I . -7.38 -12.16 -1.35
O3 SO4 I . -7.77 -11.76 -3.68
O4 SO4 I . -9.48 -12.77 -2.35
ZN ZN J . -15.49 13.34 -5.11
ZN ZN K . -13.01 12.86 -7.39
S SO4 L . -26.75 5.77 4.58
O1 SO4 L . -25.65 4.84 4.23
O2 SO4 L . -26.95 5.76 6.03
O3 SO4 L . -27.98 5.33 3.93
O4 SO4 L . -26.46 7.15 4.18
S SO4 M . -38.61 22.39 -14.20
O1 SO4 M . -39.03 21.37 -13.23
O2 SO4 M . -38.16 23.58 -13.48
O3 SO4 M . -37.53 21.89 -15.06
O4 SO4 M . -39.76 22.73 -15.04
S SO4 N . -3.66 6.61 13.18
O1 SO4 N . -4.31 7.06 14.41
O2 SO4 N . -2.53 7.49 12.84
O3 SO4 N . -4.64 6.61 12.07
O4 SO4 N . -3.15 5.26 13.39
S SO4 O . 9.20 4.18 -16.64
O1 SO4 O . 9.74 3.16 -15.74
O2 SO4 O . 10.31 4.82 -17.36
O3 SO4 O . 8.27 3.57 -17.58
O4 SO4 O . 8.52 5.22 -15.87
S SO4 P . -23.30 -0.36 -28.05
O1 SO4 P . -22.55 0.85 -28.41
O2 SO4 P . -23.16 -0.58 -26.61
O3 SO4 P . -22.81 -1.50 -28.84
O4 SO4 P . -24.71 -0.18 -28.39
S SO4 Q . 23.89 0.11 26.96
O1 SO4 Q . 23.54 -0.49 28.24
O2 SO4 Q . 24.61 1.36 27.17
O3 SO4 Q . 24.73 -0.84 26.18
O4 SO4 Q . 22.65 0.41 26.23
#